data_2NBJ
#
_entry.id   2NBJ
#
loop_
_entity.id
_entity.type
_entity.pdbx_description
1 polymer 'Chromosomal protein MC1'
2 polymer "DNA (5'-D(*AP*AP*AP*AP*AP*CP*AP*CP*AP*CP*AP*CP*CP*CP*A)-3')"
3 polymer "DNA (5'-D(P*TP*GP*GP*GP*TP*GP*TP*GP*TP*GP*TP*TP*TP*TP*T)-3')"
#
loop_
_entity_poly.entity_id
_entity_poly.type
_entity_poly.pdbx_seq_one_letter_code
_entity_poly.pdbx_strand_id
1 'polypeptide(L)'
;SNTRNFVLRDEDGNEHGVFTGKQPRQAALKAANRGSGTKANPDIIRLRERGTKKVHVFKAWKEIVDAPKNRPAWMPEKIS
KPFVKKERIEKLE
;
A
2 'polydeoxyribonucleotide' (DA)(DA)(DA)(DA)(DA)(DC)(DA)(DC)(DA)(DC)(DA)(DC)(DC)(DC)(DA) B
3 'polydeoxyribonucleotide' (DT)(DG)(DG)(DG)(DT)(DG)(DT)(DG)(DT)(DG)(DT)(DT)(DT)(DT)(DT) C
#
# COMPACT_ATOMS: atom_id res chain seq x y z
N SER A 1 -17.07 -7.46 14.93
CA SER A 1 -16.40 -6.58 13.95
C SER A 1 -15.33 -5.74 14.62
N ASN A 2 -14.33 -5.33 13.84
CA ASN A 2 -13.24 -4.51 14.34
C ASN A 2 -12.53 -3.87 13.16
N THR A 3 -12.03 -2.66 13.33
CA THR A 3 -11.36 -1.95 12.24
C THR A 3 -10.01 -1.38 12.69
N ARG A 4 -8.94 -1.78 12.00
CA ARG A 4 -7.60 -1.27 12.33
C ARG A 4 -7.14 -0.29 11.26
N ASN A 5 -6.69 0.87 11.72
CA ASN A 5 -6.21 1.89 10.82
C ASN A 5 -4.75 1.70 10.55
N PHE A 6 -4.25 2.36 9.53
CA PHE A 6 -2.85 2.27 9.18
C PHE A 6 -2.31 3.66 8.86
N VAL A 7 -1.11 3.98 9.33
CA VAL A 7 -0.53 5.29 9.10
C VAL A 7 0.71 5.15 8.23
N LEU A 8 0.56 5.46 6.94
CA LEU A 8 1.64 5.34 5.97
C LEU A 8 2.77 6.33 6.23
N ARG A 9 3.99 5.81 6.25
CA ARG A 9 5.17 6.63 6.47
C ARG A 9 5.99 6.65 5.19
N ASP A 10 6.71 7.74 4.94
CA ASP A 10 7.52 7.87 3.74
C ASP A 10 8.87 7.19 3.89
N GLU A 11 9.92 7.94 3.66
CA GLU A 11 11.25 7.37 3.70
C GLU A 11 12.18 8.16 4.62
N ASP A 12 11.96 9.47 4.70
CA ASP A 12 12.79 10.34 5.54
C ASP A 12 12.22 10.46 6.97
N GLY A 13 11.27 9.60 7.31
CA GLY A 13 10.69 9.63 8.64
C GLY A 13 9.38 10.39 8.69
N ASN A 14 9.06 11.09 7.62
CA ASN A 14 7.83 11.86 7.57
C ASN A 14 6.68 10.97 7.13
N GLU A 15 5.59 11.00 7.88
CA GLU A 15 4.44 10.18 7.54
C GLU A 15 3.38 10.99 6.79
N HIS A 16 2.67 10.32 5.88
CA HIS A 16 1.65 10.97 5.07
C HIS A 16 0.28 10.92 5.74
N GLY A 17 -0.70 10.36 5.06
CA GLY A 17 -2.04 10.29 5.60
C GLY A 17 -2.27 9.03 6.42
N VAL A 18 -3.54 8.77 6.71
CA VAL A 18 -3.91 7.61 7.51
C VAL A 18 -5.09 6.86 6.90
N PHE A 19 -4.90 5.58 6.72
CA PHE A 19 -5.93 4.71 6.16
C PHE A 19 -6.89 4.26 7.26
N THR A 20 -8.01 3.71 6.86
CA THR A 20 -9.02 3.25 7.81
C THR A 20 -9.63 1.94 7.34
N GLY A 21 -8.80 0.90 7.21
CA GLY A 21 -9.32 -0.37 6.70
C GLY A 21 -9.12 -1.52 7.65
N LYS A 22 -8.70 -2.65 7.12
CA LYS A 22 -8.48 -3.82 7.95
C LYS A 22 -7.50 -4.82 7.34
N GLN A 23 -7.83 -5.30 6.15
CA GLN A 23 -7.01 -6.29 5.47
C GLN A 23 -5.74 -5.69 4.89
N PRO A 24 -4.58 -6.23 5.30
CA PRO A 24 -3.26 -5.80 4.83
C PRO A 24 -3.13 -5.89 3.32
N ARG A 25 -3.87 -6.82 2.73
CA ARG A 25 -3.85 -7.02 1.28
C ARG A 25 -4.20 -5.73 0.54
N GLN A 26 -5.33 -5.12 0.90
CA GLN A 26 -5.77 -3.88 0.24
C GLN A 26 -5.09 -2.66 0.86
N ALA A 27 -4.44 -2.86 2.00
CA ALA A 27 -3.75 -1.76 2.69
C ALA A 27 -2.40 -1.52 2.02
N ALA A 28 -1.72 -2.61 1.70
CA ALA A 28 -0.42 -2.55 1.05
C ALA A 28 -0.59 -2.13 -0.40
N LEU A 29 -1.78 -2.40 -0.92
CA LEU A 29 -2.12 -2.06 -2.29
C LEU A 29 -1.97 -0.56 -2.51
N LYS A 30 -2.62 0.22 -1.66
CA LYS A 30 -2.58 1.68 -1.74
C LYS A 30 -1.22 2.26 -1.31
N ALA A 31 -0.40 1.45 -0.66
CA ALA A 31 0.92 1.92 -0.21
C ALA A 31 1.85 2.11 -1.39
N ALA A 32 1.78 1.16 -2.34
CA ALA A 32 2.60 1.19 -3.55
C ALA A 32 2.32 2.39 -4.45
N ASN A 33 1.36 3.26 -4.08
CA ASN A 33 1.03 4.43 -4.88
C ASN A 33 2.06 5.55 -4.74
N ARG A 34 3.23 5.22 -4.18
CA ARG A 34 4.29 6.20 -3.99
C ARG A 34 4.65 6.89 -5.30
N GLY A 35 4.81 6.10 -6.35
CA GLY A 35 5.14 6.66 -7.66
C GLY A 35 6.64 6.76 -7.87
N SER A 36 7.37 5.85 -7.25
CA SER A 36 8.82 5.83 -7.35
C SER A 36 9.29 5.25 -8.68
N GLY A 37 9.56 6.14 -9.63
CA GLY A 37 10.04 5.72 -10.92
C GLY A 37 8.92 5.36 -11.88
N THR A 38 8.78 4.07 -12.17
CA THR A 38 7.75 3.58 -13.09
C THR A 38 7.52 2.09 -12.85
N LYS A 39 7.76 1.27 -13.87
CA LYS A 39 7.59 -0.17 -13.76
C LYS A 39 8.66 -0.79 -12.86
N ALA A 40 9.85 -1.01 -13.41
CA ALA A 40 10.93 -1.58 -12.63
C ALA A 40 11.62 -0.52 -11.78
N ASN A 41 11.50 -0.68 -10.47
CA ASN A 41 12.08 0.24 -9.48
C ASN A 41 11.63 -0.17 -8.09
N PRO A 42 12.53 -0.76 -7.30
CA PRO A 42 12.21 -1.19 -5.92
C PRO A 42 11.86 -0.03 -5.01
N ASP A 43 11.06 -0.31 -3.98
CA ASP A 43 10.63 0.71 -3.03
C ASP A 43 10.26 0.03 -1.72
N ILE A 44 10.48 0.74 -0.64
CA ILE A 44 10.19 0.20 0.67
C ILE A 44 9.60 1.28 1.58
N ILE A 45 8.39 1.03 2.05
CA ILE A 45 7.69 1.95 2.94
C ILE A 45 7.16 1.20 4.14
N ARG A 46 6.86 1.95 5.18
CA ARG A 46 6.38 1.35 6.41
C ARG A 46 5.18 2.09 6.99
N LEU A 47 4.05 1.41 7.02
CA LEU A 47 2.85 1.99 7.60
C LEU A 47 2.75 1.50 9.03
N ARG A 48 2.59 2.38 9.98
CA ARG A 48 2.48 1.96 11.35
C ARG A 48 1.05 1.51 11.52
N GLU A 49 0.83 0.33 12.05
CA GLU A 49 -0.52 -0.12 12.21
C GLU A 49 -1.14 0.61 13.39
N ARG A 50 -2.30 1.16 13.21
CA ARG A 50 -2.97 1.88 14.28
C ARG A 50 -4.10 1.02 14.84
N GLY A 51 -3.73 0.14 15.76
CA GLY A 51 -4.70 -0.74 16.36
C GLY A 51 -4.02 -1.79 17.20
N THR A 52 -3.19 -2.62 16.57
CA THR A 52 -2.49 -3.67 17.27
C THR A 52 -0.97 -3.39 17.32
N LYS A 53 -0.31 -4.03 18.27
CA LYS A 53 1.14 -3.86 18.46
C LYS A 53 1.95 -4.57 17.36
N LYS A 54 2.06 -3.93 16.21
CA LYS A 54 2.81 -4.51 15.08
C LYS A 54 3.25 -3.47 14.06
N VAL A 55 4.48 -3.62 13.58
CA VAL A 55 5.02 -2.73 12.58
C VAL A 55 4.79 -3.32 11.20
N HIS A 56 4.43 -2.51 10.23
CA HIS A 56 4.13 -3.00 8.90
C HIS A 56 5.09 -2.42 7.87
N VAL A 57 5.85 -3.29 7.20
CA VAL A 57 6.79 -2.87 6.18
C VAL A 57 6.78 -3.89 5.03
N PHE A 58 6.63 -3.39 3.82
CA PHE A 58 6.57 -4.26 2.66
C PHE A 58 7.09 -3.52 1.45
N LYS A 59 7.63 -4.27 0.51
CA LYS A 59 8.14 -3.70 -0.71
C LYS A 59 7.02 -3.75 -1.73
N ALA A 60 6.91 -2.79 -2.62
CA ALA A 60 5.84 -2.81 -3.58
C ALA A 60 6.20 -1.96 -4.78
N TRP A 61 5.71 -2.33 -5.92
CA TRP A 61 5.97 -1.57 -7.13
C TRP A 61 4.73 -1.50 -8.00
N LYS A 62 4.72 -0.58 -8.95
CA LYS A 62 3.57 -0.40 -9.82
C LYS A 62 3.94 -0.58 -11.29
N GLU A 63 3.00 -1.13 -12.04
CA GLU A 63 3.19 -1.37 -13.47
C GLU A 63 2.03 -0.75 -14.25
N ILE A 64 2.35 0.13 -15.19
CA ILE A 64 1.30 0.79 -15.97
C ILE A 64 0.74 -0.14 -17.04
N VAL A 65 -0.42 -0.72 -16.75
CA VAL A 65 -1.07 -1.66 -17.67
C VAL A 65 -2.57 -1.69 -17.42
N ASP A 66 -3.33 -1.88 -18.51
CA ASP A 66 -4.79 -2.02 -18.51
C ASP A 66 -5.39 -1.17 -19.63
N ALA A 67 -6.71 -1.02 -19.61
CA ALA A 67 -7.43 -0.24 -20.63
C ALA A 67 -8.91 -0.19 -20.28
N PRO A 68 -9.68 0.77 -20.86
CA PRO A 68 -11.11 0.90 -20.59
C PRO A 68 -11.88 -0.39 -20.86
N LYS A 69 -12.25 -1.09 -19.79
CA LYS A 69 -12.98 -2.33 -19.91
C LYS A 69 -14.37 -2.20 -19.29
N ASN A 70 -14.50 -2.65 -18.06
CA ASN A 70 -15.78 -2.60 -17.36
C ASN A 70 -15.64 -2.06 -15.95
N ARG A 71 -14.61 -1.26 -15.72
CA ARG A 71 -14.40 -0.68 -14.39
C ARG A 71 -15.38 0.45 -14.13
N PRO A 72 -15.76 0.66 -12.87
CA PRO A 72 -16.70 1.72 -12.50
C PRO A 72 -16.23 3.09 -13.00
N ALA A 73 -17.16 3.79 -13.65
CA ALA A 73 -16.94 5.12 -14.27
C ALA A 73 -15.84 5.97 -13.62
N TRP A 74 -15.91 6.16 -12.30
CA TRP A 74 -14.93 6.99 -11.59
C TRP A 74 -13.48 6.60 -11.87
N MET A 75 -13.16 5.32 -11.85
CA MET A 75 -11.79 4.89 -12.12
C MET A 75 -11.72 3.84 -13.24
N PRO A 76 -11.74 4.29 -14.51
CA PRO A 76 -11.64 3.42 -15.67
C PRO A 76 -10.24 3.44 -16.29
N GLU A 77 -10.18 3.37 -17.63
CA GLU A 77 -8.92 3.41 -18.37
C GLU A 77 -7.89 2.37 -17.92
N LYS A 78 -6.70 2.85 -17.58
CA LYS A 78 -5.61 1.99 -17.20
C LYS A 78 -4.99 2.49 -15.91
N ILE A 79 -4.57 1.56 -15.06
CA ILE A 79 -3.99 1.91 -13.79
C ILE A 79 -2.76 1.09 -13.51
N SER A 80 -1.78 1.70 -12.86
CA SER A 80 -0.57 1.01 -12.52
C SER A 80 -0.89 -0.05 -11.46
N LYS A 81 -0.69 -1.32 -11.81
CA LYS A 81 -0.98 -2.40 -10.89
C LYS A 81 0.08 -2.47 -9.81
N PRO A 82 -0.32 -2.41 -8.53
CA PRO A 82 0.60 -2.46 -7.41
C PRO A 82 0.85 -3.88 -6.92
N PHE A 83 2.12 -4.22 -6.76
CA PHE A 83 2.51 -5.55 -6.32
C PHE A 83 2.88 -5.59 -4.84
N VAL A 84 1.94 -6.13 -4.07
CA VAL A 84 2.09 -6.27 -2.63
C VAL A 84 3.12 -7.35 -2.30
N LYS A 85 4.34 -6.92 -2.03
CA LYS A 85 5.42 -7.84 -1.69
C LYS A 85 5.64 -7.82 -0.18
N LYS A 86 5.12 -8.84 0.50
CA LYS A 86 5.25 -8.95 1.94
C LYS A 86 6.72 -9.02 2.36
N GLU A 87 7.26 -7.94 2.90
CA GLU A 87 8.65 -7.97 3.33
C GLU A 87 8.74 -8.62 4.71
N ARG A 88 8.25 -7.93 5.72
CA ARG A 88 8.26 -8.49 7.07
C ARG A 88 7.42 -7.67 8.02
N ILE A 89 6.36 -8.27 8.51
CA ILE A 89 5.51 -7.64 9.50
C ILE A 89 6.11 -7.94 10.86
N GLU A 90 6.40 -6.92 11.64
CA GLU A 90 7.02 -7.14 12.94
C GLU A 90 5.97 -7.50 13.97
N LYS A 91 6.38 -8.13 15.06
CA LYS A 91 5.45 -8.56 16.08
C LYS A 91 5.79 -7.92 17.43
N LEU A 92 4.77 -7.72 18.24
CA LEU A 92 4.93 -7.15 19.57
C LEU A 92 3.80 -7.66 20.44
N GLU A 93 4.12 -8.19 21.61
CA GLU A 93 3.12 -8.74 22.50
C GLU A 93 3.23 -8.11 23.89
N SER A 1 -16.76 -7.00 12.67
CA SER A 1 -16.64 -5.72 13.39
C SER A 1 -15.20 -5.51 13.87
N ASN A 2 -14.33 -5.05 12.97
CA ASN A 2 -12.94 -4.79 13.30
C ASN A 2 -12.29 -3.93 12.24
N THR A 3 -11.93 -2.71 12.60
CA THR A 3 -11.29 -1.79 11.68
C THR A 3 -9.97 -1.24 12.24
N ARG A 4 -8.87 -1.51 11.55
CA ARG A 4 -7.57 -1.01 11.98
C ARG A 4 -7.03 0.02 11.00
N ASN A 5 -6.59 1.14 11.54
CA ASN A 5 -6.05 2.20 10.71
C ASN A 5 -4.59 1.93 10.42
N PHE A 6 -4.09 2.53 9.35
CA PHE A 6 -2.70 2.36 8.98
C PHE A 6 -2.08 3.71 8.68
N VAL A 7 -0.88 3.95 9.19
CA VAL A 7 -0.21 5.24 9.02
C VAL A 7 1.04 5.08 8.18
N LEU A 8 0.94 5.49 6.91
CA LEU A 8 2.06 5.38 5.97
C LEU A 8 3.21 6.31 6.32
N ARG A 9 4.41 5.76 6.34
CA ARG A 9 5.61 6.53 6.64
C ARG A 9 6.45 6.65 5.38
N ASP A 10 7.20 7.73 5.26
CA ASP A 10 8.07 7.94 4.09
C ASP A 10 9.36 7.18 4.26
N GLU A 11 10.46 7.86 4.14
CA GLU A 11 11.75 7.21 4.24
C GLU A 11 12.62 7.88 5.28
N ASP A 12 12.41 9.19 5.44
CA ASP A 12 13.19 9.98 6.39
C ASP A 12 12.53 10.02 7.77
N GLY A 13 11.48 9.23 7.95
CA GLY A 13 10.78 9.19 9.21
C GLY A 13 9.50 9.99 9.18
N ASN A 14 9.38 10.90 8.22
CA ASN A 14 8.19 11.73 8.09
C ASN A 14 7.02 10.87 7.65
N GLU A 15 5.95 10.89 8.43
CA GLU A 15 4.78 10.10 8.09
C GLU A 15 3.82 10.93 7.26
N HIS A 16 3.16 10.28 6.32
CA HIS A 16 2.20 10.96 5.46
C HIS A 16 0.80 10.95 6.07
N GLY A 17 -0.17 10.47 5.30
CA GLY A 17 -1.53 10.44 5.79
C GLY A 17 -1.81 9.18 6.58
N VAL A 18 -3.07 8.96 6.85
CA VAL A 18 -3.49 7.81 7.63
C VAL A 18 -4.73 7.16 7.01
N PHE A 19 -4.63 5.88 6.76
CA PHE A 19 -5.73 5.14 6.17
C PHE A 19 -6.69 4.68 7.26
N THR A 20 -7.80 4.10 6.85
CA THR A 20 -8.82 3.61 7.75
C THR A 20 -9.36 2.29 7.19
N GLY A 21 -8.46 1.34 6.94
CA GLY A 21 -8.86 0.09 6.33
C GLY A 21 -8.88 -1.06 7.28
N LYS A 22 -8.64 -2.25 6.74
CA LYS A 22 -8.65 -3.43 7.56
C LYS A 22 -7.67 -4.50 7.07
N GLN A 23 -8.01 -5.14 5.96
CA GLN A 23 -7.16 -6.20 5.42
C GLN A 23 -5.86 -5.66 4.83
N PRO A 24 -4.72 -6.18 5.32
CA PRO A 24 -3.39 -5.78 4.87
C PRO A 24 -3.19 -5.87 3.36
N ARG A 25 -3.88 -6.82 2.74
CA ARG A 25 -3.76 -7.03 1.30
C ARG A 25 -4.18 -5.79 0.52
N GLN A 26 -5.30 -5.17 0.89
CA GLN A 26 -5.79 -3.96 0.20
C GLN A 26 -5.16 -2.71 0.80
N ALA A 27 -4.51 -2.87 1.94
CA ALA A 27 -3.88 -1.73 2.61
C ALA A 27 -2.53 -1.46 1.97
N ALA A 28 -1.84 -2.55 1.63
CA ALA A 28 -0.55 -2.46 1.00
C ALA A 28 -0.72 -2.06 -0.45
N LEU A 29 -1.91 -2.31 -0.98
CA LEU A 29 -2.24 -1.98 -2.36
C LEU A 29 -2.09 -0.48 -2.59
N LYS A 30 -2.77 0.31 -1.76
CA LYS A 30 -2.72 1.77 -1.86
C LYS A 30 -1.38 2.35 -1.42
N ALA A 31 -0.56 1.54 -0.74
CA ALA A 31 0.75 2.01 -0.27
C ALA A 31 1.71 2.16 -1.45
N ALA A 32 1.59 1.25 -2.41
CA ALA A 32 2.42 1.25 -3.62
C ALA A 32 2.21 2.48 -4.51
N ASN A 33 1.36 3.41 -4.08
CA ASN A 33 1.09 4.63 -4.87
C ASN A 33 2.21 5.65 -4.72
N ARG A 34 3.36 5.21 -4.20
CA ARG A 34 4.52 6.08 -4.00
C ARG A 34 4.89 6.81 -5.28
N GLY A 35 4.87 6.10 -6.41
CA GLY A 35 5.20 6.71 -7.68
C GLY A 35 6.70 6.70 -7.95
N SER A 36 7.36 5.68 -7.44
CA SER A 36 8.80 5.52 -7.60
C SER A 36 9.14 5.15 -9.03
N GLY A 37 9.57 6.12 -9.81
CA GLY A 37 9.94 5.89 -11.19
C GLY A 37 8.72 5.58 -12.05
N THR A 38 8.43 4.29 -12.21
CA THR A 38 7.28 3.83 -12.99
C THR A 38 7.11 2.31 -12.84
N LYS A 39 7.48 1.56 -13.88
CA LYS A 39 7.37 0.11 -13.86
C LYS A 39 8.51 -0.50 -13.03
N ALA A 40 9.67 -0.73 -13.65
CA ALA A 40 10.81 -1.29 -12.94
C ALA A 40 11.46 -0.27 -12.02
N ASN A 41 11.30 -0.48 -10.72
CA ASN A 41 11.84 0.40 -9.70
C ASN A 41 11.45 -0.16 -8.33
N PRO A 42 12.42 -0.31 -7.41
CA PRO A 42 12.15 -0.84 -6.09
C PRO A 42 11.76 0.27 -5.10
N ASP A 43 11.02 -0.08 -4.06
CA ASP A 43 10.58 0.88 -3.05
C ASP A 43 10.17 0.15 -1.80
N ILE A 44 10.34 0.81 -0.68
CA ILE A 44 10.00 0.20 0.60
C ILE A 44 9.47 1.25 1.57
N ILE A 45 8.26 1.03 2.04
CA ILE A 45 7.63 1.94 2.98
C ILE A 45 7.09 1.16 4.17
N ARG A 46 7.08 1.81 5.32
CA ARG A 46 6.63 1.16 6.54
C ARG A 46 5.47 1.91 7.18
N LEU A 47 4.30 1.32 7.12
CA LEU A 47 3.12 1.90 7.72
C LEU A 47 3.01 1.39 9.13
N ARG A 48 2.77 2.24 10.09
CA ARG A 48 2.63 1.80 11.45
C ARG A 48 1.20 1.34 11.60
N GLU A 49 1.00 0.14 12.11
CA GLU A 49 -0.35 -0.34 12.24
C GLU A 49 -1.02 0.33 13.43
N ARG A 50 -2.19 0.90 13.21
CA ARG A 50 -2.90 1.60 14.27
C ARG A 50 -4.03 0.74 14.82
N GLY A 51 -3.70 -0.07 15.80
CA GLY A 51 -4.69 -0.94 16.41
C GLY A 51 -4.04 -1.99 17.29
N THR A 52 -2.98 -2.60 16.78
CA THR A 52 -2.25 -3.62 17.51
C THR A 52 -0.75 -3.27 17.55
N LYS A 53 0.08 -4.23 17.93
CA LYS A 53 1.52 -3.97 18.02
C LYS A 53 2.30 -4.73 16.93
N LYS A 54 2.19 -4.23 15.70
CA LYS A 54 2.88 -4.86 14.56
C LYS A 54 3.38 -3.82 13.58
N VAL A 55 4.62 -3.96 13.17
CA VAL A 55 5.20 -3.04 12.20
C VAL A 55 4.89 -3.58 10.81
N HIS A 56 4.47 -2.71 9.92
CA HIS A 56 4.11 -3.14 8.58
C HIS A 56 5.03 -2.55 7.54
N VAL A 57 5.79 -3.40 6.86
CA VAL A 57 6.70 -2.96 5.82
C VAL A 57 6.68 -3.96 4.68
N PHE A 58 6.55 -3.45 3.48
CA PHE A 58 6.48 -4.29 2.30
C PHE A 58 6.96 -3.52 1.10
N LYS A 59 7.60 -4.21 0.19
CA LYS A 59 8.08 -3.62 -1.03
C LYS A 59 6.94 -3.65 -2.02
N ALA A 60 6.79 -2.64 -2.85
CA ALA A 60 5.69 -2.64 -3.79
C ALA A 60 6.04 -1.76 -4.96
N TRP A 61 5.55 -2.15 -6.13
CA TRP A 61 5.81 -1.38 -7.33
C TRP A 61 4.57 -1.32 -8.19
N LYS A 62 4.60 -0.50 -9.21
CA LYS A 62 3.45 -0.34 -10.08
C LYS A 62 3.77 -0.63 -11.54
N GLU A 63 2.78 -1.17 -12.24
CA GLU A 63 2.92 -1.48 -13.65
C GLU A 63 1.77 -0.81 -14.41
N ILE A 64 2.10 0.04 -15.37
CA ILE A 64 1.08 0.74 -16.15
C ILE A 64 0.40 -0.22 -17.12
N VAL A 65 -0.78 -0.70 -16.76
CA VAL A 65 -1.51 -1.63 -17.61
C VAL A 65 -3.01 -1.57 -17.32
N ASP A 66 -3.79 -1.69 -18.41
CA ASP A 66 -5.27 -1.72 -18.42
C ASP A 66 -5.80 -0.91 -19.59
N ALA A 67 -7.11 -0.76 -19.64
CA ALA A 67 -7.76 -0.01 -20.70
C ALA A 67 -9.24 0.13 -20.37
N PRO A 68 -9.92 1.14 -20.95
CA PRO A 68 -11.36 1.38 -20.72
C PRO A 68 -12.18 0.09 -20.85
N LYS A 69 -12.46 -0.54 -19.73
CA LYS A 69 -13.21 -1.78 -19.71
C LYS A 69 -14.59 -1.57 -19.10
N ASN A 70 -14.89 -2.28 -18.02
CA ASN A 70 -16.20 -2.16 -17.37
C ASN A 70 -16.03 -1.76 -15.93
N ARG A 71 -14.93 -1.08 -15.63
CA ARG A 71 -14.67 -0.63 -14.28
C ARG A 71 -15.64 0.50 -13.95
N PRO A 72 -15.97 0.68 -12.67
CA PRO A 72 -16.93 1.70 -12.24
C PRO A 72 -16.57 3.09 -12.78
N ALA A 73 -17.57 3.72 -13.42
CA ALA A 73 -17.46 5.04 -14.07
C ALA A 73 -16.37 5.95 -13.51
N TRP A 74 -16.44 6.23 -12.20
CA TRP A 74 -15.46 7.11 -11.55
C TRP A 74 -14.01 6.76 -11.86
N MET A 75 -13.67 5.47 -11.90
CA MET A 75 -12.29 5.07 -12.19
C MET A 75 -12.20 3.96 -13.23
N PRO A 76 -12.25 4.32 -14.52
CA PRO A 76 -12.15 3.39 -15.62
C PRO A 76 -10.73 3.44 -16.24
N GLU A 77 -10.66 3.56 -17.58
CA GLU A 77 -9.38 3.65 -18.31
C GLU A 77 -8.35 2.59 -17.90
N LYS A 78 -7.17 3.06 -17.55
CA LYS A 78 -6.07 2.20 -17.18
C LYS A 78 -5.43 2.73 -15.93
N ILE A 79 -4.93 1.85 -15.09
CA ILE A 79 -4.31 2.26 -13.85
C ILE A 79 -3.05 1.46 -13.59
N SER A 80 -2.07 2.11 -12.98
CA SER A 80 -0.85 1.44 -12.63
C SER A 80 -1.13 0.38 -11.57
N LYS A 81 -0.97 -0.88 -11.93
CA LYS A 81 -1.25 -1.98 -11.02
C LYS A 81 -0.19 -2.06 -9.94
N PRO A 82 -0.58 -2.04 -8.66
CA PRO A 82 0.35 -2.11 -7.55
C PRO A 82 0.60 -3.55 -7.09
N PHE A 83 1.86 -3.88 -6.87
CA PHE A 83 2.24 -5.22 -6.45
C PHE A 83 2.61 -5.29 -4.98
N VAL A 84 1.71 -5.91 -4.23
CA VAL A 84 1.87 -6.10 -2.79
C VAL A 84 2.89 -7.21 -2.51
N LYS A 85 4.14 -6.82 -2.26
CA LYS A 85 5.18 -7.78 -1.97
C LYS A 85 5.41 -7.82 -0.46
N LYS A 86 4.89 -8.84 0.18
CA LYS A 86 5.01 -9.01 1.63
C LYS A 86 6.49 -9.15 2.04
N GLU A 87 7.06 -8.10 2.64
CA GLU A 87 8.46 -8.18 3.06
C GLU A 87 8.55 -8.88 4.42
N ARG A 88 8.23 -8.16 5.49
CA ARG A 88 8.27 -8.75 6.81
C ARG A 88 7.50 -7.90 7.83
N ILE A 89 6.45 -8.50 8.37
CA ILE A 89 5.66 -7.86 9.41
C ILE A 89 6.32 -8.18 10.75
N GLU A 90 6.67 -7.17 11.52
CA GLU A 90 7.34 -7.41 12.80
C GLU A 90 6.32 -7.81 13.85
N LYS A 91 6.79 -8.40 14.95
CA LYS A 91 5.89 -8.87 15.99
C LYS A 91 6.18 -8.15 17.29
N LEU A 92 5.13 -7.88 18.05
CA LEU A 92 5.25 -7.24 19.35
C LEU A 92 4.02 -7.60 20.18
N GLU A 93 4.25 -8.13 21.36
CA GLU A 93 3.15 -8.54 22.21
C GLU A 93 3.46 -8.19 23.66
N SER A 1 -18.09 -6.77 14.80
CA SER A 1 -17.35 -6.14 13.69
C SER A 1 -16.31 -5.15 14.19
N ASN A 2 -15.04 -5.42 13.93
CA ASN A 2 -13.95 -4.55 14.34
C ASN A 2 -13.17 -4.12 13.11
N THR A 3 -12.47 -3.00 13.19
CA THR A 3 -11.71 -2.51 12.05
C THR A 3 -10.35 -1.98 12.48
N ARG A 4 -9.30 -2.43 11.80
CA ARG A 4 -7.96 -1.98 12.10
C ARG A 4 -7.48 -1.02 11.03
N ASN A 5 -7.01 0.12 11.45
CA ASN A 5 -6.51 1.13 10.54
C ASN A 5 -5.04 0.93 10.30
N PHE A 6 -4.52 1.59 9.28
CA PHE A 6 -3.12 1.51 8.94
C PHE A 6 -2.57 2.91 8.72
N VAL A 7 -1.43 3.22 9.33
CA VAL A 7 -0.87 4.55 9.21
C VAL A 7 0.39 4.50 8.35
N LEU A 8 0.23 4.78 7.07
CA LEU A 8 1.32 4.73 6.10
C LEU A 8 2.37 5.81 6.35
N ARG A 9 3.63 5.39 6.37
CA ARG A 9 4.74 6.31 6.57
C ARG A 9 5.58 6.35 5.30
N ASP A 10 6.34 7.43 5.12
CA ASP A 10 7.16 7.61 3.94
C ASP A 10 8.54 7.00 4.13
N GLU A 11 9.55 7.81 3.92
CA GLU A 11 10.90 7.32 4.00
C GLU A 11 11.71 8.13 5.01
N ASP A 12 11.39 9.40 5.12
CA ASP A 12 12.08 10.33 6.02
C ASP A 12 11.52 10.26 7.44
N GLY A 13 10.60 9.35 7.68
CA GLY A 13 10.00 9.23 9.00
C GLY A 13 8.71 10.00 9.11
N ASN A 14 8.34 10.65 8.03
CA ASN A 14 7.12 11.43 7.98
C ASN A 14 5.95 10.51 7.61
N GLU A 15 4.92 10.51 8.43
CA GLU A 15 3.77 9.67 8.17
C GLU A 15 2.74 10.44 7.34
N HIS A 16 2.17 9.76 6.36
CA HIS A 16 1.20 10.37 5.46
C HIS A 16 -0.22 10.23 6.01
N GLY A 17 -1.11 9.68 5.20
CA GLY A 17 -2.48 9.50 5.61
C GLY A 17 -2.69 8.22 6.39
N VAL A 18 -3.94 7.88 6.63
CA VAL A 18 -4.28 6.69 7.38
C VAL A 18 -5.41 5.93 6.71
N PHE A 19 -5.20 4.65 6.47
CA PHE A 19 -6.20 3.80 5.86
C PHE A 19 -7.20 3.35 6.93
N THR A 20 -8.35 2.83 6.51
CA THR A 20 -9.40 2.41 7.45
C THR A 20 -10.02 1.07 7.00
N GLY A 21 -9.24 -0.01 6.97
CA GLY A 21 -9.79 -1.26 6.53
C GLY A 21 -9.50 -2.40 7.48
N LYS A 22 -8.93 -3.48 6.95
CA LYS A 22 -8.60 -4.63 7.78
C LYS A 22 -7.66 -5.58 7.05
N GLN A 23 -7.95 -5.85 5.79
CA GLN A 23 -7.14 -6.76 5.01
C GLN A 23 -5.87 -6.09 4.49
N PRO A 24 -4.70 -6.55 4.97
CA PRO A 24 -3.38 -6.02 4.59
C PRO A 24 -3.09 -6.12 3.10
N ARG A 25 -3.74 -7.07 2.43
CA ARG A 25 -3.56 -7.28 1.00
C ARG A 25 -3.85 -5.99 0.22
N GLN A 26 -5.02 -5.43 0.43
CA GLN A 26 -5.41 -4.21 -0.27
C GLN A 26 -4.85 -2.97 0.44
N ALA A 27 -4.26 -3.17 1.60
CA ALA A 27 -3.68 -2.07 2.36
C ALA A 27 -2.30 -1.75 1.81
N ALA A 28 -1.53 -2.81 1.54
CA ALA A 28 -0.19 -2.67 0.99
C ALA A 28 -0.29 -2.25 -0.46
N LEU A 29 -1.44 -2.53 -1.05
CA LEU A 29 -1.72 -2.18 -2.43
C LEU A 29 -1.62 -0.68 -2.60
N LYS A 30 -2.37 0.05 -1.79
CA LYS A 30 -2.37 1.51 -1.83
C LYS A 30 -1.04 2.12 -1.39
N ALA A 31 -0.23 1.32 -0.69
CA ALA A 31 1.08 1.78 -0.22
C ALA A 31 2.01 1.98 -1.41
N ALA A 32 1.90 1.07 -2.38
CA ALA A 32 2.70 1.09 -3.60
C ALA A 32 2.36 2.28 -4.50
N ASN A 33 1.43 3.14 -4.09
CA ASN A 33 1.07 4.31 -4.90
C ASN A 33 2.09 5.42 -4.75
N ARG A 34 3.24 5.10 -4.16
CA ARG A 34 4.30 6.08 -3.94
C ARG A 34 4.70 6.79 -5.24
N GLY A 35 4.63 6.08 -6.35
CA GLY A 35 4.97 6.69 -7.63
C GLY A 35 6.47 6.75 -7.85
N SER A 36 7.18 5.90 -7.13
CA SER A 36 8.63 5.84 -7.21
C SER A 36 9.08 5.34 -8.59
N GLY A 37 9.60 6.26 -9.39
CA GLY A 37 10.07 5.90 -10.72
C GLY A 37 8.92 5.59 -11.67
N THR A 38 8.72 4.30 -11.95
CA THR A 38 7.66 3.85 -12.86
C THR A 38 7.52 2.33 -12.82
N LYS A 39 8.00 1.66 -13.86
CA LYS A 39 7.93 0.20 -13.94
C LYS A 39 8.93 -0.46 -13.00
N ALA A 40 10.15 -0.66 -13.47
CA ALA A 40 11.17 -1.27 -12.65
C ALA A 40 11.73 -0.24 -11.69
N ASN A 41 11.47 -0.43 -10.41
CA ASN A 41 11.92 0.50 -9.39
C ASN A 41 11.63 -0.08 -8.01
N PRO A 42 12.66 -0.29 -7.19
CA PRO A 42 12.47 -0.84 -5.84
C PRO A 42 12.02 0.25 -4.87
N ASP A 43 11.24 -0.13 -3.87
CA ASP A 43 10.74 0.82 -2.90
C ASP A 43 10.40 0.09 -1.62
N ILE A 44 10.52 0.78 -0.51
CA ILE A 44 10.26 0.19 0.78
C ILE A 44 9.70 1.24 1.73
N ILE A 45 8.49 0.99 2.21
CA ILE A 45 7.83 1.90 3.14
C ILE A 45 7.31 1.13 4.33
N ARG A 46 6.96 1.86 5.36
CA ARG A 46 6.48 1.23 6.58
C ARG A 46 5.17 1.85 7.07
N LEU A 47 4.14 1.01 7.17
CA LEU A 47 2.85 1.46 7.68
C LEU A 47 2.71 0.93 9.08
N ARG A 48 2.37 1.77 10.02
CA ARG A 48 2.19 1.32 11.38
C ARG A 48 0.81 0.72 11.45
N GLU A 49 0.70 -0.51 11.93
CA GLU A 49 -0.61 -1.12 12.00
C GLU A 49 -1.34 -0.53 13.20
N ARG A 50 -2.53 -0.02 12.98
CA ARG A 50 -3.29 0.58 14.05
C ARG A 50 -4.34 -0.39 14.57
N GLY A 51 -3.91 -1.26 15.47
CA GLY A 51 -4.79 -2.24 16.05
C GLY A 51 -4.04 -3.17 16.97
N THR A 52 -2.93 -3.70 16.48
CA THR A 52 -2.10 -4.61 17.25
C THR A 52 -0.62 -4.25 17.10
N LYS A 53 0.16 -4.61 18.10
CA LYS A 53 1.60 -4.34 18.12
C LYS A 53 2.34 -5.05 16.99
N LYS A 54 2.55 -4.35 15.87
CA LYS A 54 3.27 -4.92 14.74
C LYS A 54 3.64 -3.87 13.69
N VAL A 55 4.86 -3.97 13.19
CA VAL A 55 5.35 -3.06 12.17
C VAL A 55 5.14 -3.68 10.79
N HIS A 56 4.79 -2.85 9.81
CA HIS A 56 4.54 -3.34 8.45
C HIS A 56 5.53 -2.75 7.47
N VAL A 57 6.33 -3.61 6.82
CA VAL A 57 7.30 -3.16 5.85
C VAL A 57 7.28 -4.12 4.65
N PHE A 58 7.19 -3.58 3.46
CA PHE A 58 7.14 -4.40 2.27
C PHE A 58 7.58 -3.60 1.06
N LYS A 59 8.17 -4.30 0.12
CA LYS A 59 8.62 -3.69 -1.12
C LYS A 59 7.44 -3.73 -2.07
N ALA A 60 7.30 -2.78 -2.97
CA ALA A 60 6.18 -2.79 -3.88
C ALA A 60 6.49 -1.91 -5.08
N TRP A 61 5.88 -2.22 -6.22
CA TRP A 61 6.10 -1.43 -7.42
C TRP A 61 4.83 -1.38 -8.27
N LYS A 62 4.85 -0.54 -9.31
CA LYS A 62 3.69 -0.38 -10.18
C LYS A 62 3.97 -0.72 -11.64
N GLU A 63 2.96 -1.27 -12.31
CA GLU A 63 3.04 -1.63 -13.72
C GLU A 63 1.96 -0.89 -14.51
N ILE A 64 2.37 -0.04 -15.44
CA ILE A 64 1.42 0.72 -16.26
C ILE A 64 0.71 -0.19 -17.28
N VAL A 65 -0.48 -0.68 -16.91
CA VAL A 65 -1.25 -1.58 -17.77
C VAL A 65 -2.73 -1.52 -17.43
N ASP A 66 -3.57 -1.70 -18.47
CA ASP A 66 -5.04 -1.74 -18.40
C ASP A 66 -5.63 -0.97 -19.57
N ALA A 67 -6.95 -0.80 -19.55
CA ALA A 67 -7.65 -0.10 -20.62
C ALA A 67 -9.14 0.03 -20.27
N PRO A 68 -9.87 0.96 -20.91
CA PRO A 68 -11.30 1.15 -20.65
C PRO A 68 -12.09 -0.15 -20.84
N LYS A 69 -12.33 -0.85 -19.73
CA LYS A 69 -13.07 -2.10 -19.77
C LYS A 69 -14.49 -1.91 -19.26
N ASN A 70 -14.87 -2.67 -18.24
CA ASN A 70 -16.21 -2.57 -17.65
C ASN A 70 -16.12 -2.01 -16.24
N ARG A 71 -15.07 -1.23 -16.01
CA ARG A 71 -14.83 -0.63 -14.71
C ARG A 71 -15.80 0.51 -14.45
N PRO A 72 -16.09 0.78 -13.17
CA PRO A 72 -17.00 1.85 -12.78
C PRO A 72 -16.55 3.22 -13.30
N ALA A 73 -17.50 3.91 -13.92
CA ALA A 73 -17.31 5.23 -14.56
C ALA A 73 -16.19 6.09 -13.95
N TRP A 74 -16.24 6.32 -12.65
CA TRP A 74 -15.25 7.16 -11.97
C TRP A 74 -13.80 6.68 -12.16
N MET A 75 -13.55 5.37 -12.09
CA MET A 75 -12.18 4.86 -12.26
C MET A 75 -12.09 3.90 -13.45
N PRO A 76 -12.03 4.44 -14.67
CA PRO A 76 -11.94 3.65 -15.90
C PRO A 76 -10.52 3.64 -16.47
N GLU A 77 -10.43 3.59 -17.80
CA GLU A 77 -9.16 3.61 -18.52
C GLU A 77 -8.12 2.62 -18.00
N LYS A 78 -6.96 3.13 -17.61
CA LYS A 78 -5.87 2.28 -17.17
C LYS A 78 -5.12 2.90 -16.02
N ILE A 79 -4.49 2.06 -15.21
CA ILE A 79 -3.74 2.51 -14.06
C ILE A 79 -2.57 1.58 -13.80
N SER A 80 -1.56 2.07 -13.12
CA SER A 80 -0.41 1.25 -12.80
C SER A 80 -0.77 0.26 -11.70
N LYS A 81 -0.69 -1.02 -12.02
CA LYS A 81 -1.03 -2.08 -11.07
C LYS A 81 0.11 -2.27 -10.08
N PRO A 82 -0.16 -2.12 -8.78
CA PRO A 82 0.85 -2.28 -7.75
C PRO A 82 1.02 -3.71 -7.26
N PHE A 83 2.28 -4.08 -7.01
CA PHE A 83 2.62 -5.42 -6.55
C PHE A 83 2.99 -5.45 -5.08
N VAL A 84 2.11 -6.07 -4.30
CA VAL A 84 2.28 -6.24 -2.86
C VAL A 84 3.33 -7.30 -2.58
N LYS A 85 4.58 -6.88 -2.40
CA LYS A 85 5.65 -7.81 -2.12
C LYS A 85 5.92 -7.88 -0.62
N LYS A 86 5.33 -8.89 0.02
CA LYS A 86 5.48 -9.12 1.45
C LYS A 86 6.96 -9.25 1.83
N GLU A 87 7.55 -8.20 2.41
CA GLU A 87 8.94 -8.28 2.80
C GLU A 87 9.03 -8.93 4.17
N ARG A 88 8.60 -8.23 5.21
CA ARG A 88 8.63 -8.77 6.55
C ARG A 88 7.84 -7.92 7.53
N ILE A 89 6.79 -8.51 8.06
CA ILE A 89 5.98 -7.86 9.07
C ILE A 89 6.64 -8.17 10.42
N GLU A 90 6.96 -7.13 11.18
CA GLU A 90 7.65 -7.33 12.44
C GLU A 90 6.66 -7.74 13.52
N LYS A 91 7.19 -8.29 14.61
CA LYS A 91 6.35 -8.78 15.69
C LYS A 91 6.70 -8.03 16.96
N LEU A 92 5.71 -7.43 17.59
CA LEU A 92 5.93 -6.70 18.82
C LEU A 92 5.05 -7.32 19.90
N GLU A 93 5.57 -7.44 21.11
CA GLU A 93 4.83 -8.08 22.17
C GLU A 93 5.18 -7.44 23.51
N SER A 1 -17.92 -7.31 15.07
CA SER A 1 -17.33 -6.49 13.99
C SER A 1 -16.38 -5.45 14.59
N ASN A 2 -15.28 -5.19 13.90
CA ASN A 2 -14.29 -4.22 14.34
C ASN A 2 -13.56 -3.70 13.13
N THR A 3 -12.84 -2.59 13.28
CA THR A 3 -12.10 -2.02 12.17
C THR A 3 -10.71 -1.55 12.61
N ARG A 4 -9.67 -2.02 11.92
CA ARG A 4 -8.32 -1.60 12.24
C ARG A 4 -7.82 -0.64 11.18
N ASN A 5 -7.35 0.50 11.63
CA ASN A 5 -6.85 1.51 10.74
C ASN A 5 -5.39 1.29 10.44
N PHE A 6 -4.91 1.96 9.42
CA PHE A 6 -3.51 1.86 9.04
C PHE A 6 -2.99 3.26 8.77
N VAL A 7 -1.81 3.56 9.28
CA VAL A 7 -1.23 4.89 9.10
C VAL A 7 0.00 4.80 8.21
N LEU A 8 -0.19 5.09 6.93
CA LEU A 8 0.88 5.01 5.95
C LEU A 8 1.94 6.09 6.16
N ARG A 9 3.19 5.66 6.15
CA ARG A 9 4.31 6.56 6.31
C ARG A 9 5.08 6.65 5.00
N ASP A 10 5.75 7.77 4.79
CA ASP A 10 6.53 8.00 3.57
C ASP A 10 7.90 7.39 3.70
N GLU A 11 8.91 8.18 3.44
CA GLU A 11 10.26 7.69 3.50
C GLU A 11 11.10 8.57 4.42
N ASP A 12 10.75 9.84 4.50
CA ASP A 12 11.47 10.81 5.33
C ASP A 12 10.99 10.77 6.78
N GLY A 13 10.08 9.85 7.08
CA GLY A 13 9.58 9.74 8.44
C GLY A 13 8.29 10.48 8.65
N ASN A 14 7.71 10.96 7.57
CA ASN A 14 6.46 11.70 7.65
C ASN A 14 5.31 10.81 7.27
N GLU A 15 4.28 10.77 8.10
CA GLU A 15 3.12 9.93 7.83
C GLU A 15 2.06 10.71 7.09
N HIS A 16 1.37 10.06 6.18
CA HIS A 16 0.36 10.71 5.37
C HIS A 16 -1.05 10.48 5.94
N GLY A 17 -1.94 9.91 5.12
CA GLY A 17 -3.29 9.66 5.56
C GLY A 17 -3.44 8.40 6.38
N VAL A 18 -4.69 8.05 6.67
CA VAL A 18 -4.98 6.87 7.46
C VAL A 18 -6.07 6.03 6.81
N PHE A 19 -5.74 4.76 6.56
CA PHE A 19 -6.70 3.85 5.97
C PHE A 19 -7.71 3.43 7.03
N THR A 20 -8.86 2.94 6.60
CA THR A 20 -9.92 2.54 7.52
C THR A 20 -10.48 1.18 7.12
N GLY A 21 -9.60 0.17 7.03
CA GLY A 21 -10.07 -1.14 6.62
C GLY A 21 -9.71 -2.23 7.60
N LYS A 22 -9.20 -3.33 7.08
CA LYS A 22 -8.81 -4.44 7.93
C LYS A 22 -7.81 -5.39 7.26
N GLN A 23 -8.11 -5.80 6.05
CA GLN A 23 -7.24 -6.72 5.33
C GLN A 23 -6.04 -6.02 4.70
N PRO A 24 -4.83 -6.40 5.16
CA PRO A 24 -3.56 -5.84 4.67
C PRO A 24 -3.38 -5.93 3.16
N ARG A 25 -3.99 -6.94 2.55
CA ARG A 25 -3.90 -7.15 1.11
C ARG A 25 -4.30 -5.89 0.32
N GLN A 26 -5.48 -5.35 0.59
CA GLN A 26 -5.96 -4.17 -0.11
C GLN A 26 -5.35 -2.88 0.48
N ALA A 27 -4.74 -3.03 1.64
CA ALA A 27 -4.13 -1.89 2.34
C ALA A 27 -2.77 -1.59 1.74
N ALA A 28 -2.00 -2.64 1.47
CA ALA A 28 -0.68 -2.49 0.89
C ALA A 28 -0.82 -2.15 -0.59
N LEU A 29 -1.99 -2.47 -1.13
CA LEU A 29 -2.31 -2.18 -2.53
C LEU A 29 -2.17 -0.69 -2.81
N LYS A 30 -2.81 0.13 -1.97
CA LYS A 30 -2.74 1.58 -2.12
C LYS A 30 -1.41 2.13 -1.61
N ALA A 31 -0.66 1.32 -0.86
CA ALA A 31 0.63 1.76 -0.33
C ALA A 31 1.63 1.89 -1.49
N ALA A 32 1.56 0.94 -2.41
CA ALA A 32 2.41 0.94 -3.60
C ALA A 32 2.01 2.05 -4.57
N ASN A 33 1.08 2.91 -4.18
CA ASN A 33 0.64 4.00 -5.04
C ASN A 33 1.59 5.19 -4.90
N ARG A 34 2.74 4.95 -4.31
CA ARG A 34 3.75 5.99 -4.10
C ARG A 34 4.10 6.67 -5.42
N GLY A 35 4.16 5.88 -6.51
CA GLY A 35 4.49 6.45 -7.80
C GLY A 35 5.98 6.64 -7.98
N SER A 36 6.74 5.69 -7.49
CA SER A 36 8.20 5.73 -7.57
C SER A 36 8.70 5.22 -8.92
N GLY A 37 9.18 6.13 -9.75
CA GLY A 37 9.70 5.76 -11.04
C GLY A 37 8.63 5.36 -12.03
N THR A 38 8.60 4.07 -12.36
CA THR A 38 7.63 3.53 -13.30
C THR A 38 7.45 2.03 -13.06
N LYS A 39 7.74 1.20 -14.06
CA LYS A 39 7.62 -0.25 -13.93
C LYS A 39 8.73 -0.79 -13.02
N ALA A 40 9.94 -0.89 -13.56
CA ALA A 40 11.07 -1.39 -12.78
C ALA A 40 11.61 -0.30 -11.86
N ASN A 41 11.36 -0.44 -10.56
CA ASN A 41 11.80 0.52 -9.56
C ASN A 41 11.38 0.06 -8.17
N PRO A 42 12.33 -0.36 -7.34
CA PRO A 42 12.06 -0.82 -5.98
C PRO A 42 11.66 0.34 -5.06
N ASP A 43 10.90 0.04 -4.02
CA ASP A 43 10.46 1.04 -3.06
C ASP A 43 10.18 0.36 -1.76
N ILE A 44 10.29 1.11 -0.68
CA ILE A 44 10.07 0.58 0.64
C ILE A 44 9.34 1.61 1.49
N ILE A 45 8.19 1.22 2.01
CA ILE A 45 7.41 2.11 2.84
C ILE A 45 6.89 1.34 4.05
N ARG A 46 6.36 2.06 5.01
CA ARG A 46 5.90 1.42 6.23
C ARG A 46 4.63 2.06 6.78
N LEU A 47 3.64 1.23 7.03
CA LEU A 47 2.39 1.67 7.60
C LEU A 47 2.31 1.17 9.02
N ARG A 48 1.99 2.03 9.95
CA ARG A 48 1.88 1.59 11.32
C ARG A 48 0.50 0.99 11.47
N GLU A 49 0.41 -0.21 11.98
CA GLU A 49 -0.88 -0.84 12.11
C GLU A 49 -1.62 -0.26 13.31
N ARG A 50 -2.82 0.22 13.09
CA ARG A 50 -3.61 0.79 14.16
C ARG A 50 -4.66 -0.25 14.58
N GLY A 51 -4.18 -1.32 15.19
CA GLY A 51 -5.05 -2.38 15.64
C GLY A 51 -4.36 -3.33 16.60
N THR A 52 -3.10 -3.65 16.30
CA THR A 52 -2.33 -4.54 17.15
C THR A 52 -0.92 -3.98 17.35
N LYS A 53 -0.05 -4.74 18.01
CA LYS A 53 1.32 -4.28 18.27
C LYS A 53 2.26 -4.82 17.20
N LYS A 54 2.09 -4.35 15.97
CA LYS A 54 2.92 -4.82 14.87
C LYS A 54 3.25 -3.70 13.89
N VAL A 55 4.50 -3.69 13.45
CA VAL A 55 4.95 -2.71 12.47
C VAL A 55 4.79 -3.34 11.08
N HIS A 56 4.43 -2.54 10.09
CA HIS A 56 4.22 -3.08 8.75
C HIS A 56 5.17 -2.46 7.75
N VAL A 57 5.95 -3.30 7.09
CA VAL A 57 6.90 -2.85 6.09
C VAL A 57 6.97 -3.88 4.96
N PHE A 58 6.83 -3.40 3.74
CA PHE A 58 6.85 -4.29 2.59
C PHE A 58 7.34 -3.53 1.37
N LYS A 59 7.99 -4.23 0.46
CA LYS A 59 8.47 -3.64 -0.76
C LYS A 59 7.34 -3.77 -1.75
N ALA A 60 7.20 -2.84 -2.67
CA ALA A 60 6.11 -2.93 -3.63
C ALA A 60 6.44 -2.08 -4.83
N TRP A 61 5.78 -2.36 -5.93
CA TRP A 61 6.00 -1.60 -7.15
C TRP A 61 4.77 -1.65 -8.04
N LYS A 62 4.80 -0.89 -9.13
CA LYS A 62 3.67 -0.81 -10.04
C LYS A 62 4.07 -1.14 -11.48
N GLU A 63 3.15 -1.76 -12.19
CA GLU A 63 3.34 -2.11 -13.58
C GLU A 63 2.24 -1.48 -14.41
N ILE A 64 2.61 -0.66 -15.39
CA ILE A 64 1.64 0.02 -16.23
C ILE A 64 1.00 -0.93 -17.24
N VAL A 65 -0.18 -1.44 -16.90
CA VAL A 65 -0.90 -2.37 -17.76
C VAL A 65 -2.39 -2.36 -17.44
N ASP A 66 -3.21 -2.46 -18.50
CA ASP A 66 -4.69 -2.52 -18.42
C ASP A 66 -5.27 -1.83 -19.64
N ALA A 67 -6.59 -1.72 -19.67
CA ALA A 67 -7.30 -1.10 -20.77
C ALA A 67 -8.74 -0.86 -20.36
N PRO A 68 -9.43 0.10 -21.02
CA PRO A 68 -10.83 0.40 -20.72
C PRO A 68 -11.71 -0.85 -20.74
N LYS A 69 -11.91 -1.44 -19.56
CA LYS A 69 -12.71 -2.65 -19.41
C LYS A 69 -14.10 -2.32 -18.84
N ASN A 70 -14.52 -3.07 -17.82
CA ASN A 70 -15.83 -2.85 -17.20
C ASN A 70 -15.69 -2.39 -15.76
N ARG A 71 -14.62 -1.65 -15.50
CA ARG A 71 -14.35 -1.13 -14.16
C ARG A 71 -15.26 0.04 -13.84
N PRO A 72 -15.35 0.44 -12.56
CA PRO A 72 -16.22 1.56 -12.15
C PRO A 72 -15.78 2.88 -12.80
N ALA A 73 -16.74 3.52 -13.47
CA ALA A 73 -16.57 4.79 -14.20
C ALA A 73 -15.42 5.70 -13.70
N TRP A 74 -15.41 6.02 -12.40
CA TRP A 74 -14.38 6.91 -11.84
C TRP A 74 -12.96 6.46 -12.16
N MET A 75 -12.67 5.17 -12.15
CA MET A 75 -11.31 4.69 -12.44
C MET A 75 -11.31 3.63 -13.55
N PRO A 76 -11.33 4.06 -14.81
CA PRO A 76 -11.32 3.18 -15.97
C PRO A 76 -9.93 3.10 -16.64
N GLU A 77 -9.92 2.93 -17.96
CA GLU A 77 -8.68 2.87 -18.76
C GLU A 77 -7.65 1.85 -18.28
N LYS A 78 -6.46 2.34 -17.98
CA LYS A 78 -5.36 1.48 -17.58
C LYS A 78 -4.70 2.02 -16.33
N ILE A 79 -4.25 1.13 -15.46
CA ILE A 79 -3.63 1.55 -14.22
C ILE A 79 -2.43 0.70 -13.88
N SER A 80 -1.46 1.30 -13.24
CA SER A 80 -0.27 0.60 -12.84
C SER A 80 -0.61 -0.34 -11.69
N LYS A 81 -0.59 -1.64 -11.97
CA LYS A 81 -0.92 -2.65 -10.97
C LYS A 81 0.12 -2.66 -9.85
N PRO A 82 -0.32 -2.61 -8.59
CA PRO A 82 0.57 -2.62 -7.43
C PRO A 82 0.86 -4.04 -6.93
N PHE A 83 2.13 -4.29 -6.64
CA PHE A 83 2.56 -5.61 -6.18
C PHE A 83 2.91 -5.62 -4.70
N VAL A 84 2.01 -6.20 -3.94
CA VAL A 84 2.14 -6.35 -2.48
C VAL A 84 3.19 -7.42 -2.15
N LYS A 85 4.42 -6.99 -1.94
CA LYS A 85 5.51 -7.90 -1.62
C LYS A 85 5.79 -7.87 -0.11
N LYS A 86 5.14 -8.80 0.61
CA LYS A 86 5.31 -8.93 2.07
C LYS A 86 6.79 -9.06 2.43
N GLU A 87 7.40 -8.00 2.95
CA GLU A 87 8.81 -8.06 3.31
C GLU A 87 8.97 -8.69 4.69
N ARG A 88 8.45 -8.02 5.71
CA ARG A 88 8.51 -8.54 7.07
C ARG A 88 7.71 -7.67 8.03
N ILE A 89 6.59 -8.21 8.48
CA ILE A 89 5.76 -7.56 9.46
C ILE A 89 6.39 -7.82 10.82
N GLU A 90 6.64 -6.78 11.59
CA GLU A 90 7.29 -6.93 12.89
C GLU A 90 6.28 -7.40 13.92
N LYS A 91 6.76 -8.05 14.99
CA LYS A 91 5.87 -8.57 16.02
C LYS A 91 6.24 -8.04 17.38
N LEU A 92 5.24 -7.90 18.22
CA LEU A 92 5.43 -7.44 19.60
C LEU A 92 4.30 -8.03 20.45
N GLU A 93 4.64 -8.69 21.55
CA GLU A 93 3.64 -9.31 22.40
C GLU A 93 3.85 -8.89 23.84
N SER A 1 -17.23 -7.22 14.52
CA SER A 1 -16.71 -6.23 13.56
C SER A 1 -15.70 -5.30 14.21
N ASN A 2 -14.53 -5.17 13.60
CA ASN A 2 -13.47 -4.32 14.12
C ASN A 2 -12.75 -3.65 12.96
N THR A 3 -12.28 -2.43 13.15
CA THR A 3 -11.59 -1.70 12.09
C THR A 3 -10.25 -1.15 12.60
N ARG A 4 -9.17 -1.45 11.88
CA ARG A 4 -7.86 -0.96 12.26
C ARG A 4 -7.33 0.04 11.23
N ASN A 5 -6.81 1.14 11.71
CA ASN A 5 -6.26 2.16 10.84
C ASN A 5 -4.82 1.82 10.50
N PHE A 6 -4.31 2.42 9.46
CA PHE A 6 -2.94 2.20 9.04
C PHE A 6 -2.30 3.55 8.77
N VAL A 7 -1.12 3.79 9.34
CA VAL A 7 -0.45 5.07 9.18
C VAL A 7 0.79 4.93 8.31
N LEU A 8 0.65 5.30 7.04
CA LEU A 8 1.73 5.19 6.06
C LEU A 8 2.89 6.16 6.35
N ARG A 9 4.09 5.61 6.35
CA ARG A 9 5.30 6.39 6.56
C ARG A 9 6.12 6.38 5.28
N ASP A 10 6.85 7.46 5.04
CA ASP A 10 7.66 7.60 3.84
C ASP A 10 8.95 6.82 3.95
N GLU A 11 10.05 7.49 3.68
CA GLU A 11 11.32 6.86 3.68
C GLU A 11 12.30 7.55 4.64
N ASP A 12 12.16 8.86 4.79
CA ASP A 12 13.04 9.64 5.66
C ASP A 12 12.49 9.73 7.09
N GLY A 13 11.51 8.89 7.40
CA GLY A 13 10.93 8.90 8.73
C GLY A 13 9.71 9.79 8.87
N ASN A 14 9.29 10.43 7.78
CA ASN A 14 8.11 11.29 7.83
C ASN A 14 6.88 10.48 7.46
N GLU A 15 5.80 10.63 8.22
CA GLU A 15 4.58 9.90 7.93
C GLU A 15 3.56 10.78 7.23
N HIS A 16 2.79 10.20 6.31
CA HIS A 16 1.80 10.95 5.55
C HIS A 16 0.39 10.80 6.15
N GLY A 17 -0.52 10.25 5.36
CA GLY A 17 -1.90 10.10 5.81
C GLY A 17 -2.16 8.82 6.58
N VAL A 18 -3.42 8.54 6.83
CA VAL A 18 -3.83 7.37 7.57
C VAL A 18 -5.04 6.71 6.93
N PHE A 19 -4.95 5.40 6.71
CA PHE A 19 -6.05 4.65 6.13
C PHE A 19 -7.07 4.29 7.21
N THR A 20 -8.23 3.79 6.78
CA THR A 20 -9.30 3.41 7.69
C THR A 20 -9.91 2.09 7.23
N GLY A 21 -9.08 1.05 7.08
CA GLY A 21 -9.60 -0.22 6.59
C GLY A 21 -9.38 -1.35 7.55
N LYS A 22 -8.99 -2.51 7.00
CA LYS A 22 -8.78 -3.67 7.83
C LYS A 22 -7.80 -4.67 7.22
N GLN A 23 -8.14 -5.19 6.06
CA GLN A 23 -7.28 -6.18 5.40
C GLN A 23 -5.99 -5.56 4.89
N PRO A 24 -4.84 -6.13 5.30
CA PRO A 24 -3.52 -5.65 4.89
C PRO A 24 -3.30 -5.75 3.38
N ARG A 25 -3.96 -6.72 2.76
CA ARG A 25 -3.84 -6.93 1.33
C ARG A 25 -4.27 -5.69 0.54
N GLN A 26 -5.44 -5.14 0.85
CA GLN A 26 -5.94 -3.96 0.16
C GLN A 26 -5.31 -2.68 0.74
N ALA A 27 -4.67 -2.83 1.88
CA ALA A 27 -4.04 -1.71 2.55
C ALA A 27 -2.68 -1.45 1.92
N ALA A 28 -1.98 -2.53 1.63
CA ALA A 28 -0.66 -2.45 1.00
C ALA A 28 -0.82 -2.04 -0.45
N LEU A 29 -2.01 -2.32 -0.98
CA LEU A 29 -2.36 -1.98 -2.35
C LEU A 29 -2.18 -0.48 -2.58
N LYS A 30 -2.82 0.31 -1.71
CA LYS A 30 -2.74 1.77 -1.80
C LYS A 30 -1.38 2.31 -1.38
N ALA A 31 -0.59 1.49 -0.71
CA ALA A 31 0.74 1.92 -0.27
C ALA A 31 1.67 2.06 -1.48
N ALA A 32 1.53 1.12 -2.42
CA ALA A 32 2.32 1.12 -3.65
C ALA A 32 2.05 2.34 -4.54
N ASN A 33 1.16 3.25 -4.11
CA ASN A 33 0.85 4.45 -4.89
C ASN A 33 1.94 5.51 -4.76
N ARG A 34 3.07 5.14 -4.19
CA ARG A 34 4.18 6.07 -4.01
C ARG A 34 4.56 6.79 -5.31
N GLY A 35 4.63 6.03 -6.40
CA GLY A 35 4.96 6.62 -7.68
C GLY A 35 6.46 6.65 -7.91
N SER A 36 7.15 5.67 -7.37
CA SER A 36 8.60 5.56 -7.51
C SER A 36 8.98 5.08 -8.91
N GLY A 37 9.42 6.02 -9.74
CA GLY A 37 9.82 5.69 -11.10
C GLY A 37 8.63 5.27 -11.94
N THR A 38 8.47 3.96 -12.12
CA THR A 38 7.37 3.41 -12.92
C THR A 38 7.27 1.89 -12.71
N LYS A 39 7.62 1.12 -13.74
CA LYS A 39 7.55 -0.34 -13.67
C LYS A 39 8.65 -0.91 -12.78
N ALA A 40 9.86 -1.04 -13.32
CA ALA A 40 10.98 -1.55 -12.55
C ALA A 40 11.53 -0.46 -11.66
N ASN A 41 11.30 -0.62 -10.35
CA ASN A 41 11.76 0.34 -9.37
C ASN A 41 11.34 -0.12 -7.98
N PRO A 42 12.27 -0.72 -7.21
CA PRO A 42 11.98 -1.19 -5.86
C PRO A 42 11.67 -0.03 -4.92
N ASP A 43 10.82 -0.28 -3.95
CA ASP A 43 10.44 0.74 -2.99
C ASP A 43 10.08 0.07 -1.68
N ILE A 44 10.19 0.81 -0.60
CA ILE A 44 9.92 0.27 0.70
C ILE A 44 9.27 1.33 1.58
N ILE A 45 8.08 1.03 2.07
CA ILE A 45 7.36 1.93 2.94
C ILE A 45 6.85 1.18 4.14
N ARG A 46 6.53 1.91 5.19
CA ARG A 46 6.08 1.29 6.41
C ARG A 46 4.85 1.96 6.99
N LEU A 47 3.79 1.20 7.13
CA LEU A 47 2.57 1.71 7.70
C LEU A 47 2.48 1.17 9.10
N ARG A 48 2.42 2.05 10.08
CA ARG A 48 2.32 1.59 11.42
C ARG A 48 0.90 1.10 11.59
N GLU A 49 0.73 -0.11 12.09
CA GLU A 49 -0.60 -0.63 12.24
C GLU A 49 -1.24 0.04 13.44
N ARG A 50 -2.45 0.55 13.29
CA ARG A 50 -3.11 1.24 14.38
C ARG A 50 -4.25 0.41 14.94
N GLY A 51 -3.94 -0.36 15.97
CA GLY A 51 -4.94 -1.20 16.60
C GLY A 51 -4.30 -2.29 17.44
N THR A 52 -3.24 -2.86 16.91
CA THR A 52 -2.50 -3.91 17.59
C THR A 52 -1.02 -3.52 17.64
N LYS A 53 -0.16 -4.44 18.09
CA LYS A 53 1.27 -4.16 18.19
C LYS A 53 2.04 -4.88 17.08
N LYS A 54 2.14 -4.22 15.92
CA LYS A 54 2.82 -4.82 14.76
C LYS A 54 3.30 -3.77 13.77
N VAL A 55 4.54 -3.91 13.34
CA VAL A 55 5.11 -2.99 12.36
C VAL A 55 4.84 -3.57 10.98
N HIS A 56 4.46 -2.71 10.04
CA HIS A 56 4.14 -3.19 8.70
C HIS A 56 5.07 -2.60 7.67
N VAL A 57 5.83 -3.46 7.00
CA VAL A 57 6.75 -3.02 5.96
C VAL A 57 6.71 -4.02 4.80
N PHE A 58 6.57 -3.51 3.60
CA PHE A 58 6.50 -4.37 2.45
C PHE A 58 6.95 -3.61 1.22
N LYS A 59 7.63 -4.30 0.33
CA LYS A 59 8.11 -3.72 -0.90
C LYS A 59 6.96 -3.77 -1.88
N ALA A 60 6.81 -2.79 -2.77
CA ALA A 60 5.71 -2.81 -3.69
C ALA A 60 6.05 -1.98 -4.90
N TRP A 61 5.47 -2.31 -6.04
CA TRP A 61 5.73 -1.56 -7.25
C TRP A 61 4.48 -1.52 -8.11
N LYS A 62 4.51 -0.70 -9.15
CA LYS A 62 3.36 -0.54 -10.02
C LYS A 62 3.72 -0.74 -11.49
N GLU A 63 2.78 -1.29 -12.25
CA GLU A 63 2.97 -1.52 -13.67
C GLU A 63 1.78 -0.92 -14.43
N ILE A 64 2.08 -0.02 -15.36
CA ILE A 64 1.02 0.65 -16.11
C ILE A 64 0.45 -0.25 -17.20
N VAL A 65 -0.77 -0.77 -16.96
CA VAL A 65 -1.45 -1.65 -17.89
C VAL A 65 -2.96 -1.63 -17.65
N ASP A 66 -3.71 -1.76 -18.76
CA ASP A 66 -5.19 -1.83 -18.80
C ASP A 66 -5.74 -0.96 -19.92
N ALA A 67 -7.07 -0.77 -19.91
CA ALA A 67 -7.76 -0.01 -20.93
C ALA A 67 -9.25 0.04 -20.61
N PRO A 68 -10.01 0.99 -21.20
CA PRO A 68 -11.46 1.11 -20.98
C PRO A 68 -12.19 -0.22 -21.16
N LYS A 69 -12.41 -0.92 -20.06
CA LYS A 69 -13.08 -2.20 -20.12
C LYS A 69 -14.45 -2.14 -19.48
N ASN A 70 -14.52 -2.49 -18.21
CA ASN A 70 -15.78 -2.49 -17.49
C ASN A 70 -15.61 -1.96 -16.07
N ARG A 71 -14.55 -1.18 -15.85
CA ARG A 71 -14.30 -0.63 -14.53
C ARG A 71 -15.35 0.43 -14.19
N PRO A 72 -15.66 0.60 -12.90
CA PRO A 72 -16.67 1.57 -12.44
C PRO A 72 -16.40 2.97 -12.99
N ALA A 73 -17.45 3.59 -13.53
CA ALA A 73 -17.41 4.92 -14.16
C ALA A 73 -16.36 5.87 -13.59
N TRP A 74 -16.41 6.12 -12.28
CA TRP A 74 -15.46 7.04 -11.63
C TRP A 74 -13.98 6.71 -11.94
N MET A 75 -13.63 5.44 -12.01
CA MET A 75 -12.23 5.07 -12.31
C MET A 75 -12.13 4.01 -13.40
N PRO A 76 -12.17 4.43 -14.66
CA PRO A 76 -12.07 3.56 -15.81
C PRO A 76 -10.66 3.59 -16.43
N GLU A 77 -10.59 3.51 -17.76
CA GLU A 77 -9.33 3.57 -18.50
C GLU A 77 -8.33 2.49 -18.09
N LYS A 78 -7.13 2.93 -17.72
CA LYS A 78 -6.06 2.04 -17.34
C LYS A 78 -5.40 2.52 -16.08
N ILE A 79 -4.91 1.59 -15.27
CA ILE A 79 -4.29 1.95 -14.01
C ILE A 79 -3.06 1.11 -13.75
N SER A 80 -2.08 1.71 -13.10
CA SER A 80 -0.87 0.99 -12.76
C SER A 80 -1.18 -0.04 -11.69
N LYS A 81 -0.94 -1.30 -12.01
CA LYS A 81 -1.21 -2.40 -11.09
C LYS A 81 -0.24 -2.37 -9.92
N PRO A 82 -0.74 -2.41 -8.68
CA PRO A 82 0.10 -2.42 -7.50
C PRO A 82 0.43 -3.83 -7.04
N PHE A 83 1.70 -4.07 -6.77
CA PHE A 83 2.14 -5.39 -6.35
C PHE A 83 2.54 -5.45 -4.88
N VAL A 84 1.64 -6.05 -4.11
CA VAL A 84 1.81 -6.24 -2.66
C VAL A 84 2.84 -7.33 -2.38
N LYS A 85 4.08 -6.93 -2.12
CA LYS A 85 5.14 -7.89 -1.82
C LYS A 85 5.36 -7.96 -0.31
N LYS A 86 4.85 -9.01 0.31
CA LYS A 86 4.99 -9.21 1.75
C LYS A 86 6.47 -9.26 2.15
N GLU A 87 6.98 -8.18 2.74
CA GLU A 87 8.36 -8.17 3.18
C GLU A 87 8.49 -8.79 4.57
N ARG A 88 8.02 -8.08 5.59
CA ARG A 88 8.07 -8.60 6.95
C ARG A 88 7.26 -7.75 7.92
N ILE A 89 6.28 -8.36 8.52
CA ILE A 89 5.47 -7.72 9.54
C ILE A 89 6.09 -8.06 10.88
N GLU A 90 6.43 -7.05 11.66
CA GLU A 90 7.08 -7.30 12.94
C GLU A 90 6.06 -7.77 13.97
N LYS A 91 6.55 -8.43 15.01
CA LYS A 91 5.68 -8.99 16.04
C LYS A 91 5.98 -8.33 17.38
N LEU A 92 4.94 -8.05 18.14
CA LEU A 92 5.12 -7.45 19.46
C LEU A 92 3.99 -7.91 20.37
N GLU A 93 4.33 -8.29 21.60
CA GLU A 93 3.36 -8.76 22.56
C GLU A 93 3.72 -8.26 23.94
N SER A 1 -17.57 -7.35 15.07
CA SER A 1 -16.67 -6.83 14.04
C SER A 1 -15.46 -6.13 14.67
N ASN A 2 -14.38 -6.06 13.91
CA ASN A 2 -13.15 -5.41 14.39
C ASN A 2 -12.52 -4.65 13.23
N THR A 3 -12.13 -3.41 13.47
CA THR A 3 -11.54 -2.60 12.42
C THR A 3 -10.18 -2.01 12.81
N ARG A 4 -9.14 -2.36 12.05
CA ARG A 4 -7.81 -1.85 12.31
C ARG A 4 -7.39 -0.90 11.18
N ASN A 5 -6.90 0.25 11.57
CA ASN A 5 -6.47 1.24 10.61
C ASN A 5 -5.00 1.08 10.33
N PHE A 6 -4.51 1.79 9.33
CA PHE A 6 -3.09 1.72 8.99
C PHE A 6 -2.57 3.13 8.74
N VAL A 7 -1.42 3.45 9.31
CA VAL A 7 -0.84 4.78 9.17
C VAL A 7 0.41 4.72 8.30
N LEU A 8 0.24 5.00 7.01
CA LEU A 8 1.32 4.93 6.05
C LEU A 8 2.39 5.99 6.27
N ARG A 9 3.64 5.56 6.28
CA ARG A 9 4.77 6.45 6.47
C ARG A 9 5.59 6.53 5.20
N ASP A 10 6.33 7.62 5.03
CA ASP A 10 7.16 7.85 3.86
C ASP A 10 8.52 7.20 4.01
N GLU A 11 9.56 7.96 3.75
CA GLU A 11 10.90 7.44 3.82
C GLU A 11 11.77 8.29 4.73
N ASP A 12 11.44 9.57 4.80
CA ASP A 12 12.19 10.53 5.62
C ASP A 12 11.74 10.52 7.09
N GLY A 13 10.89 9.58 7.45
CA GLY A 13 10.41 9.49 8.81
C GLY A 13 9.14 10.26 9.05
N ASN A 14 8.51 10.70 7.96
CA ASN A 14 7.26 11.44 8.06
C ASN A 14 6.12 10.57 7.60
N GLU A 15 5.02 10.60 8.33
CA GLU A 15 3.86 9.81 7.99
C GLU A 15 2.86 10.63 7.18
N HIS A 16 2.25 9.97 6.21
CA HIS A 16 1.29 10.62 5.32
C HIS A 16 -0.11 10.51 5.92
N GLY A 17 -1.02 9.95 5.14
CA GLY A 17 -2.38 9.79 5.60
C GLY A 17 -2.58 8.54 6.43
N VAL A 18 -3.85 8.25 6.72
CA VAL A 18 -4.20 7.11 7.52
C VAL A 18 -5.39 6.37 6.92
N PHE A 19 -5.24 5.08 6.68
CA PHE A 19 -6.32 4.28 6.13
C PHE A 19 -7.24 3.79 7.24
N THR A 20 -8.38 3.21 6.88
CA THR A 20 -9.33 2.73 7.88
C THR A 20 -9.98 1.42 7.40
N GLY A 21 -9.20 0.33 7.30
CA GLY A 21 -9.77 -0.91 6.82
C GLY A 21 -9.47 -2.09 7.72
N LYS A 22 -8.79 -3.09 7.18
CA LYS A 22 -8.46 -4.26 7.97
C LYS A 22 -7.50 -5.20 7.26
N GLN A 23 -7.81 -5.54 6.02
CA GLN A 23 -6.98 -6.46 5.26
C GLN A 23 -5.71 -5.81 4.71
N PRO A 24 -4.55 -6.35 5.12
CA PRO A 24 -3.23 -5.86 4.68
C PRO A 24 -3.03 -5.99 3.19
N ARG A 25 -3.68 -7.00 2.60
CA ARG A 25 -3.56 -7.24 1.17
C ARG A 25 -3.96 -6.01 0.35
N GLN A 26 -5.09 -5.38 0.70
CA GLN A 26 -5.53 -4.19 -0.02
C GLN A 26 -4.92 -2.93 0.61
N ALA A 27 -4.29 -3.10 1.76
CA ALA A 27 -3.66 -2.00 2.47
C ALA A 27 -2.30 -1.72 1.86
N ALA A 28 -1.57 -2.79 1.57
CA ALA A 28 -0.25 -2.70 0.99
C ALA A 28 -0.37 -2.29 -0.47
N LEU A 29 -1.51 -2.60 -1.05
CA LEU A 29 -1.81 -2.27 -2.44
C LEU A 29 -1.71 -0.76 -2.66
N LYS A 30 -2.48 -0.01 -1.88
CA LYS A 30 -2.50 1.44 -1.99
C LYS A 30 -1.19 2.08 -1.51
N ALA A 31 -0.38 1.32 -0.80
CA ALA A 31 0.90 1.84 -0.29
C ALA A 31 1.88 1.98 -1.45
N ALA A 32 1.82 1.03 -2.37
CA ALA A 32 2.66 1.02 -3.57
C ALA A 32 2.36 2.19 -4.50
N ASN A 33 1.43 3.07 -4.14
CA ASN A 33 1.07 4.21 -4.97
C ASN A 33 2.07 5.35 -4.81
N ARG A 34 3.24 5.03 -4.25
CA ARG A 34 4.30 6.01 -4.04
C ARG A 34 4.67 6.75 -5.33
N GLY A 35 4.61 6.06 -6.46
CA GLY A 35 4.94 6.67 -7.74
C GLY A 35 6.43 6.72 -7.99
N SER A 36 7.13 5.74 -7.43
CA SER A 36 8.57 5.63 -7.57
C SER A 36 8.96 5.18 -8.99
N GLY A 37 9.44 6.13 -9.79
CA GLY A 37 9.86 5.82 -11.14
C GLY A 37 8.71 5.43 -12.04
N THR A 38 8.60 4.13 -12.30
CA THR A 38 7.55 3.58 -13.16
C THR A 38 7.41 2.07 -12.95
N LYS A 39 7.81 1.29 -13.95
CA LYS A 39 7.76 -0.16 -13.89
C LYS A 39 8.83 -0.72 -12.96
N ALA A 40 10.05 -0.86 -13.46
CA ALA A 40 11.16 -1.37 -12.68
C ALA A 40 11.68 -0.29 -11.75
N ASN A 41 11.42 -0.45 -10.46
CA ASN A 41 11.87 0.51 -9.45
C ASN A 41 11.47 0.02 -8.06
N PRO A 42 12.41 -0.58 -7.31
CA PRO A 42 12.14 -1.07 -5.95
C PRO A 42 11.83 0.09 -5.00
N ASP A 43 11.04 -0.20 -3.98
CA ASP A 43 10.66 0.82 -2.99
C ASP A 43 10.32 0.13 -1.70
N ILE A 44 10.48 0.83 -0.60
CA ILE A 44 10.22 0.27 0.71
C ILE A 44 9.55 1.30 1.61
N ILE A 45 8.37 0.96 2.12
CA ILE A 45 7.62 1.87 2.97
C ILE A 45 7.06 1.14 4.18
N ARG A 46 6.79 1.88 5.24
CA ARG A 46 6.28 1.29 6.47
C ARG A 46 5.00 1.95 6.94
N LEU A 47 3.96 1.15 7.10
CA LEU A 47 2.69 1.63 7.61
C LEU A 47 2.55 1.12 9.01
N ARG A 48 2.32 1.99 9.97
CA ARG A 48 2.16 1.55 11.33
C ARG A 48 0.77 0.98 11.43
N GLU A 49 0.65 -0.24 11.90
CA GLU A 49 -0.65 -0.86 12.00
C GLU A 49 -1.38 -0.26 13.20
N ARG A 50 -2.61 0.20 13.01
CA ARG A 50 -3.36 0.80 14.10
C ARG A 50 -4.40 -0.18 14.63
N GLY A 51 -3.98 -1.04 15.53
CA GLY A 51 -4.86 -2.03 16.12
C GLY A 51 -4.13 -2.91 17.10
N THR A 52 -2.89 -3.24 16.76
CA THR A 52 -2.06 -4.07 17.61
C THR A 52 -0.62 -3.53 17.63
N LYS A 53 0.34 -4.36 18.05
CA LYS A 53 1.74 -3.92 18.11
C LYS A 53 2.56 -4.62 17.03
N LYS A 54 2.53 -4.07 15.83
CA LYS A 54 3.25 -4.64 14.71
C LYS A 54 3.65 -3.60 13.67
N VAL A 55 4.88 -3.70 13.21
CA VAL A 55 5.37 -2.79 12.19
C VAL A 55 5.15 -3.44 10.83
N HIS A 56 4.69 -2.67 9.87
CA HIS A 56 4.40 -3.21 8.56
C HIS A 56 5.32 -2.60 7.52
N VAL A 57 6.07 -3.45 6.86
CA VAL A 57 7.01 -3.01 5.85
C VAL A 57 7.06 -4.05 4.74
N PHE A 58 6.90 -3.59 3.53
CA PHE A 58 6.91 -4.47 2.39
C PHE A 58 7.38 -3.70 1.17
N LYS A 59 8.06 -4.40 0.28
CA LYS A 59 8.54 -3.80 -0.95
C LYS A 59 7.37 -3.83 -1.92
N ALA A 60 7.26 -2.90 -2.83
CA ALA A 60 6.15 -2.92 -3.75
C ALA A 60 6.46 -2.05 -4.95
N TRP A 61 5.82 -2.34 -6.06
CA TRP A 61 6.04 -1.57 -7.27
C TRP A 61 4.78 -1.54 -8.13
N LYS A 62 4.78 -0.71 -9.16
CA LYS A 62 3.63 -0.55 -10.03
C LYS A 62 3.94 -0.88 -11.48
N GLU A 63 2.94 -1.41 -12.17
CA GLU A 63 3.05 -1.75 -13.59
C GLU A 63 1.94 -1.04 -14.36
N ILE A 64 2.31 -0.15 -15.26
CA ILE A 64 1.32 0.59 -16.04
C ILE A 64 0.67 -0.30 -17.09
N VAL A 65 -0.55 -0.77 -16.79
CA VAL A 65 -1.28 -1.64 -17.70
C VAL A 65 -2.77 -1.63 -17.37
N ASP A 66 -3.59 -1.85 -18.42
CA ASP A 66 -5.06 -1.95 -18.36
C ASP A 66 -5.65 -1.20 -19.55
N ALA A 67 -6.97 -1.07 -19.58
CA ALA A 67 -7.65 -0.40 -20.67
C ALA A 67 -9.11 -0.18 -20.31
N PRO A 68 -9.82 0.76 -20.99
CA PRO A 68 -11.23 1.04 -20.71
C PRO A 68 -12.07 -0.24 -20.80
N LYS A 69 -12.30 -0.86 -19.66
CA LYS A 69 -13.04 -2.10 -19.57
C LYS A 69 -14.46 -1.86 -19.06
N ASN A 70 -14.84 -2.60 -18.02
CA ASN A 70 -16.17 -2.48 -17.43
C ASN A 70 -16.06 -1.90 -16.03
N ARG A 71 -15.00 -1.12 -15.81
CA ARG A 71 -14.75 -0.49 -14.52
C ARG A 71 -15.68 0.69 -14.31
N PRO A 72 -16.01 1.02 -13.06
CA PRO A 72 -16.90 2.13 -12.73
C PRO A 72 -16.41 3.46 -13.30
N ALA A 73 -17.35 4.15 -13.97
CA ALA A 73 -17.13 5.44 -14.65
C ALA A 73 -16.08 6.36 -14.01
N TRP A 74 -16.20 6.59 -12.71
CA TRP A 74 -15.25 7.48 -12.02
C TRP A 74 -13.79 7.09 -12.24
N MET A 75 -13.46 5.80 -12.21
CA MET A 75 -12.09 5.36 -12.43
C MET A 75 -12.01 4.30 -13.51
N PRO A 76 -12.01 4.71 -14.79
CA PRO A 76 -11.95 3.82 -15.93
C PRO A 76 -10.54 3.71 -16.53
N GLU A 77 -10.46 3.50 -17.84
CA GLU A 77 -9.21 3.39 -18.58
C GLU A 77 -8.20 2.41 -17.98
N LYS A 78 -7.06 2.92 -17.54
CA LYS A 78 -6.01 2.08 -17.04
C LYS A 78 -5.30 2.71 -15.86
N ILE A 79 -4.64 1.88 -15.08
CA ILE A 79 -3.91 2.32 -13.90
C ILE A 79 -2.74 1.40 -13.66
N SER A 80 -1.72 1.91 -13.01
CA SER A 80 -0.56 1.10 -12.71
C SER A 80 -0.93 0.08 -11.63
N LYS A 81 -0.83 -1.21 -11.96
CA LYS A 81 -1.16 -2.27 -11.03
C LYS A 81 -0.02 -2.46 -10.03
N PRO A 82 -0.29 -2.34 -8.72
CA PRO A 82 0.73 -2.49 -7.68
C PRO A 82 0.94 -3.93 -7.21
N PHE A 83 2.18 -4.22 -6.84
CA PHE A 83 2.55 -5.56 -6.37
C PHE A 83 2.95 -5.58 -4.89
N VAL A 84 2.09 -6.21 -4.11
CA VAL A 84 2.27 -6.37 -2.66
C VAL A 84 3.34 -7.43 -2.35
N LYS A 85 4.57 -7.00 -2.11
CA LYS A 85 5.65 -7.92 -1.80
C LYS A 85 5.90 -7.97 -0.29
N LYS A 86 5.37 -9.03 0.36
CA LYS A 86 5.52 -9.21 1.81
C LYS A 86 7.00 -9.28 2.20
N GLU A 87 7.54 -8.22 2.80
CA GLU A 87 8.93 -8.26 3.23
C GLU A 87 9.00 -8.97 4.57
N ARG A 88 8.60 -8.28 5.62
CA ARG A 88 8.60 -8.85 6.96
C ARG A 88 7.85 -7.96 7.94
N ILE A 89 6.72 -8.45 8.40
CA ILE A 89 5.93 -7.75 9.40
C ILE A 89 6.59 -7.95 10.76
N GLU A 90 6.86 -6.88 11.48
CA GLU A 90 7.52 -7.00 12.77
C GLU A 90 6.55 -7.48 13.82
N LYS A 91 7.07 -8.11 14.88
CA LYS A 91 6.24 -8.65 15.93
C LYS A 91 6.59 -8.00 17.26
N LEU A 92 5.59 -7.63 18.03
CA LEU A 92 5.80 -7.03 19.33
C LEU A 92 4.65 -7.40 20.25
N GLU A 93 4.97 -7.79 21.47
CA GLU A 93 3.96 -8.19 22.43
C GLU A 93 4.18 -7.44 23.73
N SER A 1 -17.98 -4.34 15.00
CA SER A 1 -16.75 -4.96 14.48
C SER A 1 -15.55 -4.05 14.70
N ASN A 2 -14.38 -4.64 14.86
CA ASN A 2 -13.16 -3.89 15.08
C ASN A 2 -12.59 -3.44 13.75
N THR A 3 -12.03 -2.24 13.71
CA THR A 3 -11.45 -1.69 12.51
C THR A 3 -10.08 -1.11 12.82
N ARG A 4 -9.03 -1.69 12.24
CA ARG A 4 -7.67 -1.22 12.49
C ARG A 4 -7.18 -0.30 11.38
N ASN A 5 -6.65 0.82 11.77
CA ASN A 5 -6.14 1.79 10.81
C ASN A 5 -4.67 1.54 10.57
N PHE A 6 -4.12 2.21 9.58
CA PHE A 6 -2.72 2.08 9.24
C PHE A 6 -2.18 3.46 8.94
N VAL A 7 -1.00 3.77 9.47
CA VAL A 7 -0.42 5.08 9.27
C VAL A 7 0.81 4.98 8.38
N LEU A 8 0.59 5.22 7.08
CA LEU A 8 1.64 5.14 6.07
C LEU A 8 2.77 6.12 6.32
N ARG A 9 4.01 5.59 6.30
CA ARG A 9 5.20 6.39 6.49
C ARG A 9 6.01 6.39 5.20
N ASP A 10 6.73 7.47 4.95
CA ASP A 10 7.53 7.61 3.74
C ASP A 10 8.85 6.86 3.85
N GLU A 11 9.94 7.55 3.59
CA GLU A 11 11.24 6.93 3.61
C GLU A 11 12.20 7.69 4.51
N ASP A 12 12.01 9.01 4.57
CA ASP A 12 12.85 9.90 5.38
C ASP A 12 12.33 10.01 6.80
N GLY A 13 11.38 9.15 7.14
CA GLY A 13 10.82 9.16 8.48
C GLY A 13 9.54 9.95 8.58
N ASN A 14 9.17 10.63 7.51
CA ASN A 14 7.96 11.45 7.49
C ASN A 14 6.75 10.56 7.29
N GLU A 15 5.73 10.73 8.12
CA GLU A 15 4.53 9.94 7.99
C GLU A 15 3.47 10.72 7.20
N HIS A 16 2.84 10.04 6.25
CA HIS A 16 1.84 10.69 5.41
C HIS A 16 0.44 10.57 6.01
N GLY A 17 -0.51 10.08 5.22
CA GLY A 17 -1.87 9.96 5.67
C GLY A 17 -2.11 8.72 6.52
N VAL A 18 -3.37 8.48 6.81
CA VAL A 18 -3.76 7.34 7.63
C VAL A 18 -4.95 6.60 7.01
N PHE A 19 -4.78 5.31 6.78
CA PHE A 19 -5.83 4.48 6.22
C PHE A 19 -6.81 4.09 7.32
N THR A 20 -7.96 3.58 6.94
CA THR A 20 -8.99 3.19 7.90
C THR A 20 -9.66 1.87 7.47
N GLY A 21 -8.90 0.78 7.42
CA GLY A 21 -9.49 -0.48 6.98
C GLY A 21 -9.23 -1.62 7.94
N LYS A 22 -8.71 -2.72 7.41
CA LYS A 22 -8.42 -3.87 8.24
C LYS A 22 -7.49 -4.87 7.56
N GLN A 23 -7.84 -5.30 6.36
CA GLN A 23 -7.04 -6.29 5.66
C GLN A 23 -5.74 -5.71 5.11
N PRO A 24 -4.59 -6.32 5.49
CA PRO A 24 -3.27 -5.88 5.06
C PRO A 24 -3.13 -5.91 3.54
N ARG A 25 -3.80 -6.86 2.91
CA ARG A 25 -3.74 -7.01 1.46
C ARG A 25 -4.19 -5.74 0.74
N GLN A 26 -5.35 -5.18 1.09
CA GLN A 26 -5.83 -3.98 0.41
C GLN A 26 -5.22 -2.73 1.04
N ALA A 27 -4.57 -2.89 2.19
CA ALA A 27 -3.93 -1.76 2.87
C ALA A 27 -2.59 -1.46 2.20
N ALA A 28 -1.87 -2.52 1.89
CA ALA A 28 -0.57 -2.43 1.23
C ALA A 28 -0.77 -2.02 -0.22
N LEU A 29 -1.95 -2.32 -0.74
CA LEU A 29 -2.31 -2.00 -2.10
C LEU A 29 -2.22 -0.49 -2.32
N LYS A 30 -2.93 0.26 -1.48
CA LYS A 30 -2.95 1.71 -1.58
C LYS A 30 -1.61 2.35 -1.20
N ALA A 31 -0.73 1.57 -0.57
CA ALA A 31 0.58 2.09 -0.17
C ALA A 31 1.48 2.25 -1.41
N ALA A 32 1.34 1.31 -2.35
CA ALA A 32 2.12 1.30 -3.61
C ALA A 32 1.88 2.54 -4.47
N ASN A 33 1.02 3.46 -4.05
CA ASN A 33 0.75 4.67 -4.82
C ASN A 33 1.89 5.69 -4.71
N ARG A 34 3.04 5.24 -4.19
CA ARG A 34 4.21 6.09 -4.03
C ARG A 34 4.59 6.80 -5.34
N GLY A 35 4.47 6.10 -6.46
CA GLY A 35 4.77 6.70 -7.75
C GLY A 35 6.26 6.85 -7.98
N SER A 36 7.03 5.84 -7.58
CA SER A 36 8.47 5.86 -7.77
C SER A 36 8.85 5.30 -9.13
N GLY A 37 9.15 6.20 -10.06
CA GLY A 37 9.53 5.80 -11.40
C GLY A 37 8.36 5.30 -12.21
N THR A 38 8.26 3.98 -12.36
CA THR A 38 7.19 3.37 -13.14
C THR A 38 7.08 1.87 -12.79
N LYS A 39 7.30 0.99 -13.77
CA LYS A 39 7.21 -0.44 -13.56
C LYS A 39 8.40 -0.96 -12.74
N ALA A 40 9.54 -1.15 -13.39
CA ALA A 40 10.74 -1.61 -12.70
C ALA A 40 11.30 -0.51 -11.81
N ASN A 41 11.08 -0.65 -10.51
CA ASN A 41 11.55 0.31 -9.53
C ASN A 41 11.24 -0.19 -8.13
N PRO A 42 12.26 -0.45 -7.30
CA PRO A 42 12.05 -0.93 -5.94
C PRO A 42 11.67 0.20 -4.99
N ASP A 43 10.89 -0.13 -3.97
CA ASP A 43 10.43 0.86 -3.00
C ASP A 43 10.11 0.15 -1.71
N ILE A 44 10.31 0.86 -0.62
CA ILE A 44 10.07 0.30 0.69
C ILE A 44 9.43 1.35 1.59
N ILE A 45 8.23 1.06 2.05
CA ILE A 45 7.51 1.96 2.92
C ILE A 45 6.98 1.20 4.11
N ARG A 46 6.60 1.93 5.14
CA ARG A 46 6.12 1.29 6.36
C ARG A 46 4.93 1.98 6.98
N LEU A 47 3.86 1.24 7.14
CA LEU A 47 2.65 1.77 7.76
C LEU A 47 2.62 1.25 9.17
N ARG A 48 2.43 2.13 10.14
CA ARG A 48 2.34 1.71 11.51
C ARG A 48 0.95 1.14 11.70
N GLU A 49 0.84 -0.06 12.22
CA GLU A 49 -0.47 -0.65 12.37
C GLU A 49 -1.18 0.03 13.55
N ARG A 50 -2.33 0.61 13.30
CA ARG A 50 -3.06 1.29 14.35
C ARG A 50 -4.14 0.37 14.89
N GLY A 51 -3.71 -0.70 15.54
CA GLY A 51 -4.64 -1.65 16.10
C GLY A 51 -3.94 -2.67 16.98
N THR A 52 -2.83 -3.19 16.49
CA THR A 52 -2.05 -4.16 17.24
C THR A 52 -0.58 -3.76 17.25
N LYS A 53 0.16 -4.25 18.25
CA LYS A 53 1.60 -3.98 18.39
C LYS A 53 2.40 -4.68 17.29
N LYS A 54 2.24 -4.22 16.05
CA LYS A 54 2.94 -4.81 14.93
C LYS A 54 3.37 -3.76 13.93
N VAL A 55 4.62 -3.86 13.47
CA VAL A 55 5.15 -2.93 12.49
C VAL A 55 4.92 -3.51 11.11
N HIS A 56 4.53 -2.67 10.15
CA HIS A 56 4.25 -3.16 8.81
C HIS A 56 5.17 -2.54 7.77
N VAL A 57 5.94 -3.38 7.10
CA VAL A 57 6.85 -2.93 6.05
C VAL A 57 6.80 -3.92 4.89
N PHE A 58 6.62 -3.40 3.69
CA PHE A 58 6.52 -4.24 2.52
C PHE A 58 6.92 -3.46 1.29
N LYS A 59 7.60 -4.14 0.39
CA LYS A 59 8.03 -3.55 -0.86
C LYS A 59 6.85 -3.61 -1.81
N ALA A 60 6.65 -2.60 -2.63
CA ALA A 60 5.52 -2.61 -3.53
C ALA A 60 5.86 -1.80 -4.76
N TRP A 61 5.38 -2.24 -5.90
CA TRP A 61 5.63 -1.54 -7.14
C TRP A 61 4.38 -1.51 -7.99
N LYS A 62 4.38 -0.65 -8.99
CA LYS A 62 3.22 -0.49 -9.87
C LYS A 62 3.58 -0.76 -11.33
N GLU A 63 2.65 -1.37 -12.04
CA GLU A 63 2.82 -1.66 -13.46
C GLU A 63 1.67 -1.02 -14.23
N ILE A 64 1.99 -0.11 -15.15
CA ILE A 64 0.96 0.57 -15.94
C ILE A 64 0.40 -0.36 -17.01
N VAL A 65 -0.78 -0.93 -16.72
CA VAL A 65 -1.44 -1.85 -17.63
C VAL A 65 -2.94 -1.90 -17.36
N ASP A 66 -3.71 -2.08 -18.45
CA ASP A 66 -5.18 -2.23 -18.45
C ASP A 66 -5.78 -1.49 -19.64
N ALA A 67 -7.11 -1.35 -19.62
CA ALA A 67 -7.84 -0.69 -20.70
C ALA A 67 -9.32 -0.58 -20.33
N PRO A 68 -10.10 0.27 -21.03
CA PRO A 68 -11.53 0.42 -20.78
C PRO A 68 -12.27 -0.92 -20.80
N LYS A 69 -12.36 -1.54 -19.63
CA LYS A 69 -13.01 -2.84 -19.49
C LYS A 69 -14.41 -2.71 -18.92
N ASN A 70 -14.67 -3.41 -17.83
CA ASN A 70 -15.96 -3.38 -17.19
C ASN A 70 -15.83 -2.75 -15.82
N ARG A 71 -14.82 -1.90 -15.67
CA ARG A 71 -14.56 -1.23 -14.40
C ARG A 71 -15.58 -0.11 -14.20
N PRO A 72 -15.84 0.29 -12.94
CA PRO A 72 -16.82 1.32 -12.62
C PRO A 72 -16.51 2.66 -13.27
N ALA A 73 -17.55 3.27 -13.83
CA ALA A 73 -17.46 4.56 -14.54
C ALA A 73 -16.41 5.52 -13.97
N TRP A 74 -16.47 5.75 -12.67
CA TRP A 74 -15.52 6.68 -12.01
C TRP A 74 -14.06 6.28 -12.23
N MET A 75 -13.73 4.98 -12.15
CA MET A 75 -12.35 4.54 -12.35
C MET A 75 -12.23 3.48 -13.46
N PRO A 76 -12.36 3.89 -14.74
CA PRO A 76 -12.23 3.00 -15.89
C PRO A 76 -10.84 3.09 -16.50
N GLU A 77 -10.76 2.98 -17.83
CA GLU A 77 -9.51 3.07 -18.57
C GLU A 77 -8.43 2.10 -18.06
N LYS A 78 -7.27 2.63 -17.69
CA LYS A 78 -6.18 1.80 -17.24
C LYS A 78 -5.46 2.44 -16.07
N ILE A 79 -4.86 1.60 -15.23
CA ILE A 79 -4.17 2.08 -14.04
C ILE A 79 -3.01 1.18 -13.70
N SER A 80 -2.04 1.72 -12.97
CA SER A 80 -0.88 0.95 -12.57
C SER A 80 -1.27 -0.07 -11.49
N LYS A 81 -1.12 -1.34 -11.80
CA LYS A 81 -1.44 -2.41 -10.86
C LYS A 81 -0.37 -2.46 -9.77
N PRO A 82 -0.78 -2.44 -8.49
CA PRO A 82 0.14 -2.49 -7.37
C PRO A 82 0.44 -3.92 -6.91
N PHE A 83 1.71 -4.17 -6.63
CA PHE A 83 2.14 -5.48 -6.19
C PHE A 83 2.59 -5.49 -4.73
N VAL A 84 1.72 -6.07 -3.92
CA VAL A 84 1.92 -6.20 -2.48
C VAL A 84 2.94 -7.30 -2.18
N LYS A 85 4.19 -6.90 -1.91
CA LYS A 85 5.24 -7.86 -1.60
C LYS A 85 5.51 -7.87 -0.09
N LYS A 86 4.97 -8.89 0.58
CA LYS A 86 5.13 -9.05 2.03
C LYS A 86 6.61 -9.12 2.40
N GLU A 87 7.17 -8.06 2.95
CA GLU A 87 8.57 -8.10 3.34
C GLU A 87 8.69 -8.72 4.71
N ARG A 88 8.20 -8.04 5.75
CA ARG A 88 8.23 -8.59 7.10
C ARG A 88 7.43 -7.75 8.09
N ILE A 89 6.39 -8.36 8.63
CA ILE A 89 5.58 -7.71 9.65
C ILE A 89 6.19 -8.07 11.01
N GLU A 90 6.52 -7.09 11.82
CA GLU A 90 7.14 -7.37 13.11
C GLU A 90 6.08 -7.76 14.12
N LYS A 91 6.50 -8.47 15.17
CA LYS A 91 5.59 -8.96 16.19
C LYS A 91 5.99 -8.37 17.54
N LEU A 92 5.00 -8.05 18.35
CA LEU A 92 5.22 -7.52 19.68
C LEU A 92 4.04 -7.88 20.56
N GLU A 93 4.30 -8.50 21.69
CA GLU A 93 3.23 -8.92 22.57
C GLU A 93 3.07 -7.97 23.76
N SER A 1 -17.79 -5.63 14.22
CA SER A 1 -17.00 -5.05 13.11
C SER A 1 -15.83 -4.22 13.65
N ASN A 2 -14.61 -4.73 13.46
CA ASN A 2 -13.42 -4.03 13.92
C ASN A 2 -12.66 -3.48 12.71
N THR A 3 -12.11 -2.28 12.86
CA THR A 3 -11.38 -1.63 11.79
C THR A 3 -10.01 -1.17 12.27
N ARG A 4 -8.94 -1.69 11.67
CA ARG A 4 -7.60 -1.28 12.06
C ARG A 4 -7.04 -0.25 11.09
N ASN A 5 -6.64 0.87 11.64
CA ASN A 5 -6.09 1.94 10.83
C ASN A 5 -4.63 1.65 10.56
N PHE A 6 -4.11 2.22 9.49
CA PHE A 6 -2.73 2.03 9.13
C PHE A 6 -2.10 3.39 8.87
N VAL A 7 -0.93 3.63 9.44
CA VAL A 7 -0.28 4.92 9.29
C VAL A 7 0.99 4.77 8.44
N LEU A 8 0.89 5.14 7.17
CA LEU A 8 2.01 5.03 6.24
C LEU A 8 3.12 6.01 6.57
N ARG A 9 4.34 5.50 6.67
CA ARG A 9 5.50 6.32 6.96
C ARG A 9 6.39 6.37 5.72
N ASP A 10 7.13 7.46 5.57
CA ASP A 10 8.01 7.62 4.42
C ASP A 10 9.34 6.93 4.63
N GLU A 11 10.42 7.66 4.50
CA GLU A 11 11.72 7.07 4.64
C GLU A 11 12.59 7.84 5.63
N ASP A 12 12.35 9.14 5.73
CA ASP A 12 13.12 10.01 6.62
C ASP A 12 12.55 10.02 8.04
N GLY A 13 11.62 9.10 8.30
CA GLY A 13 11.01 9.00 9.60
C GLY A 13 9.73 9.80 9.70
N ASN A 14 9.40 10.49 8.63
CA ASN A 14 8.18 11.30 8.60
C ASN A 14 7.03 10.45 8.08
N GLU A 15 5.92 10.48 8.79
CA GLU A 15 4.76 9.71 8.38
C GLU A 15 3.78 10.59 7.61
N HIS A 16 3.13 9.99 6.62
CA HIS A 16 2.18 10.71 5.78
C HIS A 16 0.78 10.70 6.40
N GLY A 17 -0.19 10.14 5.67
CA GLY A 17 -1.54 10.09 6.15
C GLY A 17 -1.85 8.79 6.89
N VAL A 18 -3.12 8.53 7.08
CA VAL A 18 -3.55 7.33 7.79
C VAL A 18 -4.74 6.68 7.07
N PHE A 19 -4.61 5.39 6.82
CA PHE A 19 -5.66 4.62 6.15
C PHE A 19 -6.71 4.20 7.18
N THR A 20 -7.83 3.68 6.69
CA THR A 20 -8.93 3.26 7.56
C THR A 20 -9.45 1.91 7.06
N GLY A 21 -8.59 0.92 6.96
CA GLY A 21 -9.04 -0.35 6.44
C GLY A 21 -8.96 -1.46 7.44
N LYS A 22 -8.68 -2.65 6.93
CA LYS A 22 -8.60 -3.82 7.77
C LYS A 22 -7.64 -4.84 7.18
N GLN A 23 -7.90 -5.21 5.93
CA GLN A 23 -7.06 -6.17 5.24
C GLN A 23 -5.77 -5.52 4.76
N PRO A 24 -4.62 -6.08 5.16
CA PRO A 24 -3.30 -5.57 4.77
C PRO A 24 -3.12 -5.63 3.26
N ARG A 25 -3.91 -6.48 2.62
CA ARG A 25 -3.86 -6.64 1.17
C ARG A 25 -4.18 -5.31 0.47
N GLN A 26 -5.30 -4.69 0.83
CA GLN A 26 -5.70 -3.41 0.23
C GLN A 26 -4.96 -2.24 0.88
N ALA A 27 -4.32 -2.50 2.01
CA ALA A 27 -3.58 -1.46 2.72
C ALA A 27 -2.21 -1.26 2.08
N ALA A 28 -1.55 -2.37 1.78
CA ALA A 28 -0.24 -2.34 1.17
C ALA A 28 -0.39 -1.96 -0.29
N LEU A 29 -1.56 -2.26 -0.83
CA LEU A 29 -1.88 -1.97 -2.21
C LEU A 29 -1.72 -0.48 -2.50
N LYS A 30 -2.36 0.36 -1.68
CA LYS A 30 -2.30 1.80 -1.86
C LYS A 30 -0.97 2.38 -1.35
N ALA A 31 -0.20 1.59 -0.62
CA ALA A 31 1.08 2.07 -0.09
C ALA A 31 2.06 2.23 -1.26
N ALA A 32 1.96 1.31 -2.21
CA ALA A 32 2.80 1.31 -3.41
C ALA A 32 2.58 2.55 -4.28
N ASN A 33 1.64 3.42 -3.92
CA ASN A 33 1.36 4.63 -4.71
C ASN A 33 2.41 5.72 -4.48
N ARG A 34 3.53 5.36 -3.87
CA ARG A 34 4.60 6.33 -3.61
C ARG A 34 5.02 7.06 -4.89
N GLY A 35 5.05 6.33 -6.01
CA GLY A 35 5.43 6.94 -7.28
C GLY A 35 6.92 6.91 -7.52
N SER A 36 7.56 5.88 -7.02
CA SER A 36 8.99 5.71 -7.16
C SER A 36 9.36 5.26 -8.58
N GLY A 37 9.76 6.21 -9.42
CA GLY A 37 10.14 5.89 -10.78
C GLY A 37 8.96 5.57 -11.67
N THR A 38 8.71 4.29 -11.89
CA THR A 38 7.61 3.81 -12.72
C THR A 38 7.43 2.29 -12.56
N LYS A 39 7.82 1.52 -13.58
CA LYS A 39 7.70 0.07 -13.50
C LYS A 39 8.85 -0.50 -12.68
N ALA A 40 9.99 -0.73 -13.31
CA ALA A 40 11.14 -1.24 -12.60
C ALA A 40 11.71 -0.18 -11.68
N ASN A 41 11.48 -0.35 -10.38
CA ASN A 41 11.96 0.58 -9.36
C ASN A 41 11.45 0.14 -8.00
N PRO A 42 12.23 -0.69 -7.29
CA PRO A 42 11.83 -1.18 -5.97
C PRO A 42 11.66 -0.04 -4.96
N ASP A 43 10.93 -0.31 -3.89
CA ASP A 43 10.67 0.68 -2.86
C ASP A 43 10.34 -0.03 -1.56
N ILE A 44 10.61 0.63 -0.46
CA ILE A 44 10.38 0.04 0.84
C ILE A 44 9.84 1.09 1.81
N ILE A 45 8.56 0.97 2.12
CA ILE A 45 7.91 1.87 3.04
C ILE A 45 7.37 1.09 4.23
N ARG A 46 7.04 1.81 5.28
CA ARG A 46 6.55 1.16 6.50
C ARG A 46 5.34 1.85 7.08
N LEU A 47 4.25 1.11 7.17
CA LEU A 47 3.03 1.62 7.75
C LEU A 47 2.92 1.07 9.14
N ARG A 48 2.77 1.93 10.13
CA ARG A 48 2.63 1.46 11.48
C ARG A 48 1.19 1.02 11.62
N GLU A 49 0.97 -0.17 12.14
CA GLU A 49 -0.38 -0.63 12.26
C GLU A 49 -1.03 0.04 13.47
N ARG A 50 -2.24 0.52 13.32
CA ARG A 50 -2.92 1.18 14.41
C ARG A 50 -4.06 0.31 14.93
N GLY A 51 -3.71 -0.59 15.82
CA GLY A 51 -4.69 -1.49 16.40
C GLY A 51 -4.04 -2.49 17.33
N THR A 52 -2.93 -3.05 16.88
CA THR A 52 -2.18 -4.01 17.65
C THR A 52 -0.71 -3.60 17.70
N LYS A 53 0.17 -4.50 18.14
CA LYS A 53 1.59 -4.19 18.24
C LYS A 53 2.38 -4.89 17.13
N LYS A 54 2.37 -4.29 15.95
CA LYS A 54 3.08 -4.89 14.81
C LYS A 54 3.53 -3.84 13.81
N VAL A 55 4.77 -3.96 13.38
CA VAL A 55 5.34 -3.04 12.40
C VAL A 55 5.15 -3.63 11.01
N HIS A 56 4.77 -2.82 10.05
CA HIS A 56 4.52 -3.32 8.70
C HIS A 56 5.47 -2.71 7.70
N VAL A 57 6.26 -3.54 7.04
CA VAL A 57 7.20 -3.08 6.04
C VAL A 57 7.19 -4.05 4.86
N PHE A 58 7.06 -3.52 3.66
CA PHE A 58 7.00 -4.36 2.48
C PHE A 58 7.45 -3.60 1.25
N LYS A 59 8.09 -4.31 0.33
CA LYS A 59 8.54 -3.73 -0.91
C LYS A 59 7.36 -3.76 -1.87
N ALA A 60 7.20 -2.74 -2.68
CA ALA A 60 6.08 -2.72 -3.60
C ALA A 60 6.42 -1.86 -4.78
N TRP A 61 5.81 -2.15 -5.91
CA TRP A 61 6.06 -1.40 -7.13
C TRP A 61 4.81 -1.42 -8.00
N LYS A 62 4.81 -0.64 -9.07
CA LYS A 62 3.64 -0.59 -9.93
C LYS A 62 3.97 -0.83 -11.39
N GLU A 63 3.00 -1.37 -12.11
CA GLU A 63 3.15 -1.65 -13.53
C GLU A 63 2.00 -1.00 -14.30
N ILE A 64 2.33 -0.12 -15.24
CA ILE A 64 1.31 0.57 -16.03
C ILE A 64 0.66 -0.41 -17.01
N VAL A 65 -0.52 -0.93 -16.65
CA VAL A 65 -1.23 -1.88 -17.49
C VAL A 65 -2.73 -1.85 -17.21
N ASP A 66 -3.52 -2.03 -18.29
CA ASP A 66 -5.00 -2.10 -18.26
C ASP A 66 -5.57 -1.37 -19.47
N ALA A 67 -6.88 -1.23 -19.51
CA ALA A 67 -7.57 -0.57 -20.61
C ALA A 67 -9.06 -0.45 -20.29
N PRO A 68 -9.78 0.45 -20.98
CA PRO A 68 -11.22 0.64 -20.76
C PRO A 68 -12.00 -0.68 -20.86
N LYS A 69 -12.21 -1.32 -19.73
CA LYS A 69 -12.92 -2.59 -19.68
C LYS A 69 -14.35 -2.39 -19.18
N ASN A 70 -14.70 -3.07 -18.09
CA ASN A 70 -16.03 -2.98 -17.51
C ASN A 70 -15.98 -2.38 -16.11
N ARG A 71 -14.97 -1.56 -15.86
CA ARG A 71 -14.82 -0.94 -14.54
C ARG A 71 -15.81 0.19 -14.36
N PRO A 72 -16.23 0.43 -13.11
CA PRO A 72 -17.19 1.50 -12.79
C PRO A 72 -16.73 2.86 -13.33
N ALA A 73 -17.67 3.56 -13.98
CA ALA A 73 -17.46 4.88 -14.60
C ALA A 73 -16.35 5.74 -13.97
N TRP A 74 -16.44 5.99 -12.67
CA TRP A 74 -15.47 6.83 -11.97
C TRP A 74 -14.02 6.39 -12.20
N MET A 75 -13.73 5.09 -12.14
CA MET A 75 -12.36 4.62 -12.35
C MET A 75 -12.25 3.67 -13.53
N PRO A 76 -12.14 4.22 -14.75
CA PRO A 76 -12.03 3.44 -15.97
C PRO A 76 -10.59 3.41 -16.51
N GLU A 77 -10.46 3.30 -17.83
CA GLU A 77 -9.17 3.31 -18.52
C GLU A 77 -8.17 2.28 -18.00
N LYS A 78 -7.02 2.76 -17.56
CA LYS A 78 -5.95 1.88 -17.11
C LYS A 78 -5.26 2.49 -15.90
N ILE A 79 -4.67 1.64 -15.08
CA ILE A 79 -3.97 2.10 -13.88
C ILE A 79 -2.74 1.25 -13.63
N SER A 80 -1.75 1.84 -12.98
CA SER A 80 -0.56 1.10 -12.64
C SER A 80 -0.89 0.12 -11.52
N LYS A 81 -0.78 -1.17 -11.81
CA LYS A 81 -1.09 -2.20 -10.83
C LYS A 81 0.03 -2.31 -9.81
N PRO A 82 -0.28 -2.16 -8.52
CA PRO A 82 0.70 -2.24 -7.46
C PRO A 82 0.92 -3.66 -6.92
N PHE A 83 2.19 -4.00 -6.73
CA PHE A 83 2.54 -5.34 -6.25
C PHE A 83 2.90 -5.36 -4.77
N VAL A 84 2.00 -5.96 -4.02
CA VAL A 84 2.15 -6.12 -2.57
C VAL A 84 3.14 -7.24 -2.27
N LYS A 85 4.40 -6.88 -2.06
CA LYS A 85 5.44 -7.86 -1.77
C LYS A 85 5.71 -7.91 -0.27
N LYS A 86 5.13 -8.89 0.40
CA LYS A 86 5.30 -9.07 1.84
C LYS A 86 6.78 -9.18 2.19
N GLU A 87 7.38 -8.12 2.73
CA GLU A 87 8.79 -8.19 3.08
C GLU A 87 8.93 -8.73 4.49
N ARG A 88 8.40 -8.02 5.49
CA ARG A 88 8.49 -8.49 6.86
C ARG A 88 7.63 -7.67 7.82
N ILE A 89 6.82 -8.37 8.57
CA ILE A 89 6.00 -7.77 9.60
C ILE A 89 6.62 -8.13 10.93
N GLU A 90 6.99 -7.14 11.73
CA GLU A 90 7.63 -7.40 13.00
C GLU A 90 6.60 -7.81 14.04
N LYS A 91 7.07 -8.40 15.14
CA LYS A 91 6.17 -8.89 16.17
C LYS A 91 6.48 -8.23 17.51
N LEU A 92 5.43 -7.85 18.22
CA LEU A 92 5.57 -7.22 19.53
C LEU A 92 4.37 -7.60 20.38
N GLU A 93 4.61 -8.00 21.62
CA GLU A 93 3.54 -8.40 22.50
C GLU A 93 3.52 -7.51 23.74
N SER A 1 -16.81 -6.07 12.67
CA SER A 1 -17.08 -4.62 12.82
C SER A 1 -15.83 -3.84 13.25
N ASN A 2 -14.83 -4.56 13.78
CA ASN A 2 -13.58 -3.93 14.20
C ASN A 2 -12.81 -3.44 12.98
N THR A 3 -12.17 -2.29 13.11
CA THR A 3 -11.42 -1.71 12.00
C THR A 3 -10.05 -1.22 12.46
N ARG A 4 -9.00 -1.72 11.81
CA ARG A 4 -7.65 -1.29 12.17
C ARG A 4 -7.13 -0.28 11.16
N ASN A 5 -6.69 0.85 11.67
CA ASN A 5 -6.17 1.89 10.83
C ASN A 5 -4.70 1.65 10.56
N PHE A 6 -4.19 2.30 9.55
CA PHE A 6 -2.80 2.15 9.19
C PHE A 6 -2.20 3.53 8.95
N VAL A 7 -1.02 3.77 9.50
CA VAL A 7 -0.38 5.08 9.35
C VAL A 7 0.84 4.94 8.46
N LEU A 8 0.70 5.29 7.19
CA LEU A 8 1.79 5.15 6.23
C LEU A 8 2.92 6.14 6.50
N ARG A 9 4.13 5.63 6.48
CA ARG A 9 5.30 6.45 6.68
C ARG A 9 6.11 6.46 5.39
N ASP A 10 6.78 7.56 5.12
CA ASP A 10 7.55 7.71 3.90
C ASP A 10 8.92 7.06 4.01
N GLU A 11 9.95 7.81 3.73
CA GLU A 11 11.28 7.28 3.75
C GLU A 11 12.18 8.13 4.63
N ASP A 12 11.87 9.42 4.64
CA ASP A 12 12.61 10.43 5.42
C ASP A 12 12.19 10.45 6.88
N GLY A 13 11.38 9.48 7.30
CA GLY A 13 10.94 9.42 8.68
C GLY A 13 9.66 10.20 8.91
N ASN A 14 9.12 10.74 7.83
CA ASN A 14 7.90 11.51 7.91
C ASN A 14 6.74 10.66 7.45
N GLU A 15 5.64 10.70 8.20
CA GLU A 15 4.48 9.90 7.85
C GLU A 15 3.47 10.74 7.09
N HIS A 16 2.77 10.09 6.17
CA HIS A 16 1.78 10.76 5.35
C HIS A 16 0.40 10.73 6.01
N GLY A 17 -0.58 10.21 5.30
CA GLY A 17 -1.93 10.13 5.82
C GLY A 17 -2.15 8.88 6.63
N VAL A 18 -3.41 8.59 6.90
CA VAL A 18 -3.77 7.43 7.69
C VAL A 18 -4.97 6.72 7.07
N PHE A 19 -4.82 5.43 6.82
CA PHE A 19 -5.88 4.62 6.22
C PHE A 19 -6.90 4.22 7.28
N THR A 20 -8.02 3.68 6.83
CA THR A 20 -9.10 3.27 7.72
C THR A 20 -9.67 1.95 7.22
N GLY A 21 -8.83 0.93 7.07
CA GLY A 21 -9.33 -0.33 6.54
C GLY A 21 -9.14 -1.47 7.48
N LYS A 22 -8.82 -2.63 6.95
CA LYS A 22 -8.65 -3.80 7.80
C LYS A 22 -7.71 -4.82 7.18
N GLN A 23 -8.05 -5.30 5.99
CA GLN A 23 -7.23 -6.31 5.32
C GLN A 23 -5.95 -5.69 4.74
N PRO A 24 -4.79 -6.20 5.18
CA PRO A 24 -3.47 -5.73 4.74
C PRO A 24 -3.29 -5.78 3.23
N ARG A 25 -3.97 -6.72 2.59
CA ARG A 25 -3.88 -6.85 1.14
C ARG A 25 -4.25 -5.56 0.44
N GLN A 26 -5.42 -5.01 0.74
CA GLN A 26 -5.86 -3.76 0.12
C GLN A 26 -5.20 -2.56 0.80
N ALA A 27 -4.59 -2.79 1.96
CA ALA A 27 -3.93 -1.74 2.70
C ALA A 27 -2.56 -1.46 2.09
N ALA A 28 -1.83 -2.54 1.78
CA ALA A 28 -0.52 -2.44 1.19
C ALA A 28 -0.67 -2.01 -0.27
N LEU A 29 -1.83 -2.28 -0.82
CA LEU A 29 -2.15 -1.91 -2.20
C LEU A 29 -2.00 -0.40 -2.36
N LYS A 30 -2.68 0.35 -1.51
CA LYS A 30 -2.63 1.80 -1.54
C LYS A 30 -1.25 2.34 -1.13
N ALA A 31 -0.45 1.51 -0.48
CA ALA A 31 0.88 1.94 -0.04
C ALA A 31 1.83 2.03 -1.24
N ALA A 32 1.70 1.08 -2.15
CA ALA A 32 2.52 1.02 -3.38
C ALA A 32 2.31 2.25 -4.27
N ASN A 33 1.37 3.13 -3.91
CA ASN A 33 1.10 4.34 -4.70
C ASN A 33 2.19 5.40 -4.50
N ARG A 34 3.32 4.98 -3.95
CA ARG A 34 4.46 5.87 -3.71
C ARG A 34 4.88 6.62 -4.97
N GLY A 35 4.76 5.97 -6.13
CA GLY A 35 5.11 6.60 -7.39
C GLY A 35 6.59 6.59 -7.69
N SER A 36 7.28 5.57 -7.21
CA SER A 36 8.71 5.44 -7.40
C SER A 36 9.04 5.10 -8.86
N GLY A 37 9.45 6.10 -9.63
CA GLY A 37 9.79 5.87 -11.03
C GLY A 37 8.61 5.43 -11.87
N THR A 38 8.50 4.12 -12.06
CA THR A 38 7.43 3.53 -12.87
C THR A 38 7.34 2.03 -12.60
N LYS A 39 7.75 1.22 -13.59
CA LYS A 39 7.73 -0.23 -13.47
C LYS A 39 8.92 -0.73 -12.67
N ALA A 40 10.07 -0.89 -13.32
CA ALA A 40 11.27 -1.34 -12.63
C ALA A 40 11.80 -0.23 -11.74
N ASN A 41 11.56 -0.37 -10.45
CA ASN A 41 11.99 0.58 -9.44
C ASN A 41 11.41 0.16 -8.10
N PRO A 42 12.17 -0.63 -7.31
CA PRO A 42 11.71 -1.09 -6.01
C PRO A 42 11.62 0.06 -5.02
N ASP A 43 10.83 -0.11 -3.98
CA ASP A 43 10.65 0.92 -2.96
C ASP A 43 10.35 0.25 -1.65
N ILE A 44 10.50 0.99 -0.57
CA ILE A 44 10.25 0.44 0.75
C ILE A 44 9.61 1.48 1.64
N ILE A 45 8.48 1.11 2.20
CA ILE A 45 7.75 1.99 3.10
C ILE A 45 7.21 1.20 4.27
N ARG A 46 6.72 1.91 5.26
CA ARG A 46 6.23 1.27 6.45
C ARG A 46 5.01 1.96 7.02
N LEU A 47 3.94 1.20 7.16
CA LEU A 47 2.71 1.70 7.74
C LEU A 47 2.62 1.16 9.14
N ARG A 48 2.53 2.02 10.12
CA ARG A 48 2.43 1.55 11.48
C ARG A 48 0.99 1.13 11.66
N GLU A 49 0.76 -0.06 12.18
CA GLU A 49 -0.61 -0.52 12.33
C GLU A 49 -1.23 0.14 13.56
N ARG A 50 -2.45 0.63 13.42
CA ARG A 50 -3.13 1.28 14.52
C ARG A 50 -4.22 0.36 15.06
N GLY A 51 -3.83 -0.52 15.96
CA GLY A 51 -4.76 -1.45 16.58
C GLY A 51 -4.05 -2.46 17.46
N THR A 52 -3.06 -3.13 16.89
CA THR A 52 -2.29 -4.11 17.63
C THR A 52 -0.83 -3.65 17.74
N LYS A 53 0.04 -4.53 18.23
CA LYS A 53 1.46 -4.19 18.38
C LYS A 53 2.29 -4.85 17.30
N LYS A 54 2.37 -4.20 16.14
CA LYS A 54 3.13 -4.75 15.03
C LYS A 54 3.52 -3.69 14.00
N VAL A 55 4.76 -3.75 13.54
CA VAL A 55 5.26 -2.83 12.54
C VAL A 55 5.02 -3.44 11.17
N HIS A 56 4.57 -2.63 10.21
CA HIS A 56 4.27 -3.15 8.90
C HIS A 56 5.21 -2.56 7.86
N VAL A 57 6.02 -3.40 7.24
CA VAL A 57 6.95 -2.94 6.23
C VAL A 57 6.98 -3.94 5.07
N PHE A 58 6.84 -3.45 3.87
CA PHE A 58 6.82 -4.30 2.70
C PHE A 58 7.30 -3.53 1.50
N LYS A 59 7.88 -4.25 0.56
CA LYS A 59 8.36 -3.66 -0.68
C LYS A 59 7.22 -3.71 -1.67
N ALA A 60 7.07 -2.73 -2.54
CA ALA A 60 5.97 -2.75 -3.48
C ALA A 60 6.33 -1.89 -4.67
N TRP A 61 5.79 -2.26 -5.81
CA TRP A 61 6.03 -1.50 -7.03
C TRP A 61 4.78 -1.51 -7.89
N LYS A 62 4.76 -0.68 -8.92
CA LYS A 62 3.59 -0.58 -9.78
C LYS A 62 3.93 -0.81 -11.24
N GLU A 63 2.96 -1.31 -11.98
CA GLU A 63 3.12 -1.55 -13.41
C GLU A 63 1.92 -0.98 -14.16
N ILE A 64 2.18 -0.15 -15.16
CA ILE A 64 1.09 0.46 -15.92
C ILE A 64 0.51 -0.54 -16.93
N VAL A 65 -0.64 -1.10 -16.60
CA VAL A 65 -1.31 -2.06 -17.47
C VAL A 65 -2.81 -2.10 -17.18
N ASP A 66 -3.58 -2.31 -18.25
CA ASP A 66 -5.05 -2.45 -18.25
C ASP A 66 -5.65 -1.66 -19.40
N ALA A 67 -6.97 -1.53 -19.39
CA ALA A 67 -7.69 -0.82 -20.45
C ALA A 67 -9.17 -0.73 -20.12
N PRO A 68 -9.90 0.24 -20.70
CA PRO A 68 -11.34 0.41 -20.45
C PRO A 68 -12.12 -0.90 -20.60
N LYS A 69 -12.39 -1.55 -19.48
CA LYS A 69 -13.12 -2.81 -19.49
C LYS A 69 -14.52 -2.66 -18.91
N ASN A 70 -14.69 -3.15 -17.68
CA ASN A 70 -15.98 -3.09 -17.00
C ASN A 70 -15.85 -2.46 -15.63
N ARG A 71 -14.83 -1.63 -15.46
CA ARG A 71 -14.59 -0.95 -14.19
C ARG A 71 -15.66 0.08 -13.93
N PRO A 72 -15.97 0.37 -12.65
CA PRO A 72 -16.96 1.37 -12.28
C PRO A 72 -16.63 2.73 -12.90
N ALA A 73 -17.62 3.30 -13.58
CA ALA A 73 -17.52 4.58 -14.31
C ALA A 73 -16.47 5.55 -13.77
N TRP A 74 -16.55 5.92 -12.49
CA TRP A 74 -15.62 6.89 -11.90
C TRP A 74 -14.15 6.52 -12.12
N MET A 75 -13.80 5.24 -12.12
CA MET A 75 -12.39 4.84 -12.32
C MET A 75 -12.27 3.67 -13.28
N PRO A 76 -12.26 3.94 -14.59
CA PRO A 76 -12.12 2.94 -15.64
C PRO A 76 -10.70 2.95 -16.24
N GLU A 77 -10.62 2.85 -17.57
CA GLU A 77 -9.36 2.88 -18.29
C GLU A 77 -8.32 1.86 -17.79
N LYS A 78 -7.15 2.36 -17.42
CA LYS A 78 -6.06 1.52 -16.98
C LYS A 78 -5.38 2.13 -15.77
N ILE A 79 -4.82 1.31 -14.92
CA ILE A 79 -4.16 1.80 -13.72
C ILE A 79 -2.92 0.99 -13.43
N SER A 80 -1.94 1.63 -12.79
CA SER A 80 -0.72 0.96 -12.43
C SER A 80 -1.01 -0.09 -11.36
N LYS A 81 -0.76 -1.35 -11.69
CA LYS A 81 -1.02 -2.44 -10.76
C LYS A 81 0.06 -2.47 -9.70
N PRO A 82 -0.32 -2.44 -8.42
CA PRO A 82 0.62 -2.47 -7.33
C PRO A 82 0.91 -3.88 -6.83
N PHE A 83 2.19 -4.15 -6.61
CA PHE A 83 2.62 -5.48 -6.17
C PHE A 83 2.96 -5.51 -4.69
N VAL A 84 2.05 -6.10 -3.94
CA VAL A 84 2.20 -6.24 -2.49
C VAL A 84 3.22 -7.34 -2.17
N LYS A 85 4.46 -6.93 -1.94
CA LYS A 85 5.53 -7.87 -1.63
C LYS A 85 5.78 -7.87 -0.11
N LYS A 86 5.28 -8.90 0.56
CA LYS A 86 5.44 -9.06 2.01
C LYS A 86 6.93 -9.14 2.39
N GLU A 87 7.49 -8.06 2.93
CA GLU A 87 8.90 -8.10 3.33
C GLU A 87 9.01 -8.78 4.68
N ARG A 88 8.56 -8.10 5.72
CA ARG A 88 8.58 -8.67 7.06
C ARG A 88 7.81 -7.83 8.06
N ILE A 89 6.69 -8.38 8.51
CA ILE A 89 5.88 -7.74 9.52
C ILE A 89 6.53 -8.02 10.86
N GLU A 90 6.86 -6.99 11.61
CA GLU A 90 7.52 -7.18 12.90
C GLU A 90 6.48 -7.47 13.96
N LYS A 91 6.91 -7.98 15.10
CA LYS A 91 6.00 -8.34 16.17
C LYS A 91 6.35 -7.60 17.45
N LEU A 92 5.41 -7.60 18.38
CA LEU A 92 5.57 -6.98 19.68
C LEU A 92 4.55 -7.58 20.63
N GLU A 93 4.96 -7.92 21.84
CA GLU A 93 4.08 -8.54 22.80
C GLU A 93 4.13 -7.79 24.12
N SER A 1 -17.12 -7.15 14.63
CA SER A 1 -16.39 -6.35 13.64
C SER A 1 -15.28 -5.56 14.31
N ASN A 2 -14.13 -5.48 13.63
CA ASN A 2 -12.98 -4.75 14.15
C ASN A 2 -12.31 -4.01 12.99
N THR A 3 -11.90 -2.77 13.23
CA THR A 3 -11.25 -1.97 12.19
C THR A 3 -9.93 -1.41 12.69
N ARG A 4 -8.84 -1.78 12.02
CA ARG A 4 -7.53 -1.29 12.38
C ARG A 4 -7.06 -0.25 11.38
N ASN A 5 -6.67 0.89 11.89
CA ASN A 5 -6.20 1.94 11.04
C ASN A 5 -4.74 1.73 10.71
N PHE A 6 -4.29 2.30 9.62
CA PHE A 6 -2.91 2.16 9.21
C PHE A 6 -2.35 3.55 8.94
N VAL A 7 -1.16 3.83 9.47
CA VAL A 7 -0.54 5.13 9.30
C VAL A 7 0.69 5.01 8.41
N LEU A 8 0.52 5.30 7.13
CA LEU A 8 1.59 5.16 6.14
C LEU A 8 2.71 6.18 6.35
N ARG A 9 3.94 5.68 6.29
CA ARG A 9 5.12 6.51 6.44
C ARG A 9 5.90 6.50 5.13
N ASP A 10 6.59 7.59 4.85
CA ASP A 10 7.38 7.72 3.64
C ASP A 10 8.74 7.08 3.79
N GLU A 11 9.77 7.84 3.54
CA GLU A 11 11.11 7.33 3.60
C GLU A 11 11.99 8.21 4.48
N ASP A 12 11.63 9.48 4.54
CA ASP A 12 12.35 10.47 5.34
C ASP A 12 11.88 10.46 6.80
N GLY A 13 11.03 9.50 7.14
CA GLY A 13 10.53 9.41 8.51
C GLY A 13 9.27 10.22 8.68
N ASN A 14 8.85 10.84 7.59
CA ASN A 14 7.64 11.64 7.59
C ASN A 14 6.48 10.77 7.17
N GLU A 15 5.41 10.81 7.93
CA GLU A 15 4.24 10.01 7.62
C GLU A 15 3.22 10.83 6.84
N HIS A 16 2.55 10.17 5.92
CA HIS A 16 1.56 10.82 5.06
C HIS A 16 0.18 10.75 5.70
N GLY A 17 -0.78 10.22 4.96
CA GLY A 17 -2.13 10.12 5.46
C GLY A 17 -2.34 8.91 6.36
N VAL A 18 -3.58 8.69 6.73
CA VAL A 18 -3.94 7.58 7.60
C VAL A 18 -5.13 6.82 7.03
N PHE A 19 -4.95 5.52 6.88
CA PHE A 19 -6.01 4.66 6.36
C PHE A 19 -6.94 4.21 7.47
N THR A 20 -8.07 3.64 7.09
CA THR A 20 -9.10 3.18 8.02
C THR A 20 -9.62 1.82 7.53
N GLY A 21 -8.72 0.86 7.34
CA GLY A 21 -9.15 -0.42 6.80
C GLY A 21 -8.99 -1.57 7.77
N LYS A 22 -8.68 -2.73 7.23
CA LYS A 22 -8.52 -3.91 8.05
C LYS A 22 -7.57 -4.92 7.43
N GLN A 23 -7.88 -5.33 6.21
CA GLN A 23 -7.06 -6.30 5.51
C GLN A 23 -5.75 -5.71 4.99
N PRO A 24 -4.62 -6.27 5.45
CA PRO A 24 -3.29 -5.83 5.05
C PRO A 24 -3.08 -5.89 3.54
N ARG A 25 -3.75 -6.85 2.91
CA ARG A 25 -3.64 -7.04 1.47
C ARG A 25 -4.03 -5.76 0.71
N GLN A 26 -5.19 -5.19 1.03
CA GLN A 26 -5.64 -3.98 0.36
C GLN A 26 -5.01 -2.73 0.98
N ALA A 27 -4.39 -2.93 2.13
CA ALA A 27 -3.74 -1.83 2.84
C ALA A 27 -2.41 -1.53 2.16
N ALA A 28 -1.71 -2.60 1.83
CA ALA A 28 -0.41 -2.51 1.18
C ALA A 28 -0.60 -2.12 -0.28
N LEU A 29 -1.78 -2.43 -0.80
CA LEU A 29 -2.14 -2.12 -2.18
C LEU A 29 -2.04 -0.62 -2.42
N LYS A 30 -2.75 0.16 -1.60
CA LYS A 30 -2.76 1.61 -1.73
C LYS A 30 -1.44 2.26 -1.27
N ALA A 31 -0.60 1.50 -0.59
CA ALA A 31 0.70 2.02 -0.14
C ALA A 31 1.65 2.16 -1.32
N ALA A 32 1.57 1.21 -2.24
CA ALA A 32 2.39 1.19 -3.46
C ALA A 32 2.13 2.40 -4.36
N ASN A 33 1.20 3.28 -4.00
CA ASN A 33 0.88 4.45 -4.81
C ASN A 33 1.92 5.56 -4.64
N ARG A 34 3.09 5.21 -4.12
CA ARG A 34 4.18 6.16 -3.91
C ARG A 34 4.55 6.88 -5.21
N GLY A 35 4.48 6.16 -6.33
CA GLY A 35 4.80 6.77 -7.62
C GLY A 35 6.30 6.80 -7.88
N SER A 36 6.98 5.78 -7.39
CA SER A 36 8.43 5.67 -7.56
C SER A 36 8.79 5.20 -8.98
N GLY A 37 9.08 6.17 -9.85
CA GLY A 37 9.44 5.85 -11.21
C GLY A 37 8.24 5.39 -12.04
N THR A 38 8.11 4.07 -12.19
CA THR A 38 7.03 3.48 -12.95
C THR A 38 7.01 1.96 -12.78
N LYS A 39 7.52 1.24 -13.80
CA LYS A 39 7.55 -0.23 -13.78
C LYS A 39 8.71 -0.75 -12.93
N ALA A 40 9.86 -0.97 -13.55
CA ALA A 40 11.03 -1.47 -12.85
C ALA A 40 11.58 -0.40 -11.91
N ASN A 41 11.35 -0.60 -10.62
CA ASN A 41 11.79 0.33 -9.59
C ASN A 41 11.28 -0.14 -8.24
N PRO A 42 12.14 -0.70 -7.38
CA PRO A 42 11.72 -1.16 -6.07
C PRO A 42 11.54 0.01 -5.12
N ASP A 43 10.73 -0.18 -4.09
CA ASP A 43 10.47 0.86 -3.11
C ASP A 43 10.22 0.22 -1.77
N ILE A 44 10.35 1.00 -0.73
CA ILE A 44 10.17 0.48 0.61
C ILE A 44 9.48 1.51 1.48
N ILE A 45 8.34 1.14 2.02
CA ILE A 45 7.58 2.03 2.88
C ILE A 45 7.04 1.26 4.08
N ARG A 46 6.64 1.99 5.09
CA ARG A 46 6.17 1.37 6.31
C ARG A 46 4.97 2.09 6.91
N LEU A 47 3.89 1.36 7.05
CA LEU A 47 2.69 1.90 7.67
C LEU A 47 2.63 1.37 9.08
N ARG A 48 2.53 2.26 10.05
CA ARG A 48 2.44 1.82 11.43
C ARG A 48 1.03 1.33 11.62
N GLU A 49 0.86 0.15 12.16
CA GLU A 49 -0.49 -0.34 12.33
C GLU A 49 -1.11 0.34 13.55
N ARG A 50 -2.30 0.87 13.39
CA ARG A 50 -2.96 1.56 14.48
C ARG A 50 -4.10 0.73 15.04
N GLY A 51 -3.76 -0.12 15.99
CA GLY A 51 -4.74 -0.98 16.63
C GLY A 51 -4.09 -2.00 17.51
N THR A 52 -3.06 -2.63 16.99
CA THR A 52 -2.31 -3.64 17.71
C THR A 52 -0.84 -3.22 17.79
N LYS A 53 0.02 -4.11 18.29
CA LYS A 53 1.44 -3.80 18.43
C LYS A 53 2.24 -4.52 17.37
N LYS A 54 2.27 -3.96 16.17
CA LYS A 54 2.98 -4.55 15.05
C LYS A 54 3.41 -3.51 14.02
N VAL A 55 4.65 -3.62 13.58
CA VAL A 55 5.18 -2.72 12.58
C VAL A 55 4.95 -3.33 11.22
N HIS A 56 4.55 -2.52 10.25
CA HIS A 56 4.26 -3.05 8.92
C HIS A 56 5.19 -2.46 7.88
N VAL A 57 5.91 -3.33 7.17
CA VAL A 57 6.82 -2.89 6.12
C VAL A 57 6.80 -3.91 4.98
N PHE A 58 6.67 -3.41 3.77
CA PHE A 58 6.62 -4.28 2.61
C PHE A 58 7.10 -3.52 1.40
N LYS A 59 7.76 -4.23 0.50
CA LYS A 59 8.24 -3.67 -0.74
C LYS A 59 7.10 -3.71 -1.72
N ALA A 60 6.95 -2.75 -2.60
CA ALA A 60 5.84 -2.78 -3.53
C ALA A 60 6.16 -1.93 -4.73
N TRP A 61 5.58 -2.28 -5.85
CA TRP A 61 5.81 -1.54 -7.07
C TRP A 61 4.56 -1.60 -7.95
N LYS A 62 4.55 -0.88 -9.06
CA LYS A 62 3.39 -0.86 -9.92
C LYS A 62 3.75 -1.07 -11.38
N GLU A 63 2.78 -1.59 -12.12
CA GLU A 63 2.94 -1.84 -13.56
C GLU A 63 1.78 -1.18 -14.30
N ILE A 64 2.08 -0.35 -15.29
CA ILE A 64 1.03 0.31 -16.05
C ILE A 64 0.38 -0.69 -17.00
N VAL A 65 -0.76 -1.24 -16.59
CA VAL A 65 -1.48 -2.23 -17.39
C VAL A 65 -2.97 -2.18 -17.10
N ASP A 66 -3.75 -2.32 -18.18
CA ASP A 66 -5.23 -2.35 -18.16
C ASP A 66 -5.77 -1.59 -19.36
N ALA A 67 -7.09 -1.45 -19.42
CA ALA A 67 -7.75 -0.76 -20.52
C ALA A 67 -9.23 -0.58 -20.21
N PRO A 68 -9.95 0.26 -20.99
CA PRO A 68 -11.40 0.51 -20.77
C PRO A 68 -12.21 -0.79 -20.73
N LYS A 69 -12.34 -1.34 -19.53
CA LYS A 69 -13.10 -2.57 -19.34
C LYS A 69 -14.50 -2.23 -18.82
N ASN A 70 -14.96 -2.97 -17.84
CA ASN A 70 -16.28 -2.75 -17.26
C ASN A 70 -16.13 -2.24 -15.83
N ARG A 71 -15.08 -1.47 -15.61
CA ARG A 71 -14.80 -0.91 -14.30
C ARG A 71 -15.76 0.24 -14.01
N PRO A 72 -15.96 0.59 -12.73
CA PRO A 72 -16.86 1.67 -12.33
C PRO A 72 -16.46 3.00 -12.96
N ALA A 73 -17.43 3.63 -13.62
CA ALA A 73 -17.28 4.91 -14.33
C ALA A 73 -16.19 5.82 -13.79
N TRP A 74 -16.25 6.12 -12.49
CA TRP A 74 -15.27 7.03 -11.88
C TRP A 74 -13.82 6.63 -12.17
N MET A 75 -13.50 5.34 -12.13
CA MET A 75 -12.14 4.89 -12.39
C MET A 75 -12.08 3.91 -13.56
N PRO A 76 -12.03 4.44 -14.79
CA PRO A 76 -11.98 3.64 -16.01
C PRO A 76 -10.55 3.50 -16.56
N GLU A 77 -10.46 3.27 -17.88
CA GLU A 77 -9.18 3.15 -18.59
C GLU A 77 -8.25 2.09 -18.01
N LYS A 78 -7.09 2.52 -17.54
CA LYS A 78 -6.08 1.61 -17.04
C LYS A 78 -5.43 2.20 -15.81
N ILE A 79 -4.89 1.34 -14.96
CA ILE A 79 -4.25 1.79 -13.74
C ILE A 79 -3.02 0.96 -13.44
N SER A 80 -2.05 1.58 -12.80
CA SER A 80 -0.84 0.90 -12.43
C SER A 80 -1.16 -0.19 -11.40
N LYS A 81 -0.85 -1.43 -11.73
CA LYS A 81 -1.11 -2.55 -10.84
C LYS A 81 -0.05 -2.61 -9.75
N PRO A 82 -0.46 -2.50 -8.47
CA PRO A 82 0.44 -2.53 -7.34
C PRO A 82 0.70 -3.95 -6.82
N PHE A 83 1.98 -4.26 -6.59
CA PHE A 83 2.37 -5.58 -6.10
C PHE A 83 2.71 -5.57 -4.63
N VAL A 84 1.81 -6.17 -3.88
CA VAL A 84 1.93 -6.32 -2.43
C VAL A 84 3.00 -7.38 -2.10
N LYS A 85 4.24 -6.94 -1.91
CA LYS A 85 5.31 -7.88 -1.58
C LYS A 85 5.53 -7.89 -0.08
N LYS A 86 4.96 -8.90 0.57
CA LYS A 86 5.08 -9.07 2.01
C LYS A 86 6.55 -9.16 2.42
N GLU A 87 7.11 -8.10 3.00
CA GLU A 87 8.50 -8.15 3.41
C GLU A 87 8.59 -8.83 4.76
N ARG A 88 8.13 -8.14 5.80
CA ARG A 88 8.13 -8.71 7.13
C ARG A 88 7.39 -7.83 8.13
N ILE A 89 6.33 -8.39 8.67
CA ILE A 89 5.55 -7.72 9.69
C ILE A 89 6.21 -8.00 11.04
N GLU A 90 6.55 -6.96 11.78
CA GLU A 90 7.22 -7.15 13.06
C GLU A 90 6.20 -7.55 14.12
N LYS A 91 6.67 -8.21 15.17
CA LYS A 91 5.77 -8.72 16.21
C LYS A 91 6.07 -8.07 17.55
N LEU A 92 5.03 -7.78 18.30
CA LEU A 92 5.16 -7.22 19.63
C LEU A 92 3.96 -7.66 20.45
N GLU A 93 4.21 -8.26 21.60
CA GLU A 93 3.14 -8.75 22.44
C GLU A 93 3.17 -8.06 23.79
N SER A 1 -17.48 -7.61 15.07
CA SER A 1 -16.85 -6.69 14.10
C SER A 1 -15.85 -5.78 14.79
N ASN A 2 -14.77 -5.45 14.09
CA ASN A 2 -13.74 -4.57 14.60
C ASN A 2 -13.01 -3.96 13.41
N THR A 3 -12.43 -2.78 13.57
CA THR A 3 -11.75 -2.13 12.47
C THR A 3 -10.35 -1.65 12.86
N ARG A 4 -9.33 -2.14 12.15
CA ARG A 4 -7.97 -1.73 12.41
C ARG A 4 -7.48 -0.77 11.32
N ASN A 5 -6.95 0.35 11.76
CA ASN A 5 -6.45 1.35 10.82
C ASN A 5 -4.97 1.16 10.57
N PHE A 6 -4.48 1.81 9.54
CA PHE A 6 -3.08 1.74 9.18
C PHE A 6 -2.60 3.14 8.85
N VAL A 7 -1.42 3.51 9.32
CA VAL A 7 -0.91 4.85 9.07
C VAL A 7 0.34 4.78 8.20
N LEU A 8 0.17 5.06 6.92
CA LEU A 8 1.26 4.99 5.94
C LEU A 8 2.33 6.06 6.17
N ARG A 9 3.59 5.62 6.19
CA ARG A 9 4.72 6.53 6.36
C ARG A 9 5.53 6.55 5.08
N ASP A 10 6.29 7.62 4.88
CA ASP A 10 7.09 7.78 3.67
C ASP A 10 8.48 7.21 3.83
N GLU A 11 9.47 8.01 3.49
CA GLU A 11 10.84 7.57 3.53
C GLU A 11 11.69 8.55 4.33
N ASP A 12 11.29 9.81 4.33
CA ASP A 12 12.00 10.86 5.05
C ASP A 12 11.64 10.88 6.54
N GLY A 13 10.76 9.97 6.95
CA GLY A 13 10.35 9.91 8.34
C GLY A 13 9.05 10.64 8.60
N ASN A 14 8.36 11.01 7.54
CA ASN A 14 7.09 11.72 7.67
C ASN A 14 5.95 10.79 7.28
N GLU A 15 4.91 10.79 8.09
CA GLU A 15 3.76 9.95 7.82
C GLU A 15 2.73 10.70 6.99
N HIS A 16 2.11 9.97 6.07
CA HIS A 16 1.09 10.55 5.19
C HIS A 16 -0.29 10.48 5.82
N GLY A 17 -1.25 9.92 5.09
CA GLY A 17 -2.60 9.80 5.59
C GLY A 17 -2.82 8.55 6.41
N VAL A 18 -4.07 8.24 6.69
CA VAL A 18 -4.41 7.08 7.50
C VAL A 18 -5.53 6.27 6.86
N PHE A 19 -5.27 4.98 6.69
CA PHE A 19 -6.27 4.07 6.12
C PHE A 19 -7.22 3.62 7.23
N THR A 20 -8.37 3.09 6.84
CA THR A 20 -9.38 2.67 7.80
C THR A 20 -10.03 1.36 7.33
N GLY A 21 -9.25 0.28 7.25
CA GLY A 21 -9.80 -0.98 6.77
C GLY A 21 -9.50 -2.14 7.69
N LYS A 22 -8.97 -3.23 7.13
CA LYS A 22 -8.67 -4.41 7.90
C LYS A 22 -7.72 -5.35 7.18
N GLN A 23 -7.99 -5.61 5.90
CA GLN A 23 -7.17 -6.52 5.12
C GLN A 23 -5.88 -5.86 4.63
N PRO A 24 -4.73 -6.40 5.06
CA PRO A 24 -3.40 -5.88 4.68
C PRO A 24 -3.17 -5.89 3.18
N ARG A 25 -3.88 -6.76 2.47
CA ARG A 25 -3.73 -6.86 1.03
C ARG A 25 -4.00 -5.53 0.34
N GLN A 26 -5.19 -4.95 0.57
CA GLN A 26 -5.54 -3.68 -0.05
C GLN A 26 -4.86 -2.52 0.67
N ALA A 27 -4.31 -2.80 1.85
CA ALA A 27 -3.62 -1.80 2.63
C ALA A 27 -2.25 -1.56 2.02
N ALA A 28 -1.57 -2.66 1.69
CA ALA A 28 -0.27 -2.60 1.08
C ALA A 28 -0.41 -2.23 -0.39
N LEU A 29 -1.59 -2.51 -0.93
CA LEU A 29 -1.89 -2.20 -2.31
C LEU A 29 -1.81 -0.69 -2.56
N LYS A 30 -2.60 0.07 -1.81
CA LYS A 30 -2.62 1.52 -1.94
C LYS A 30 -1.32 2.16 -1.42
N ALA A 31 -0.51 1.38 -0.72
CA ALA A 31 0.75 1.87 -0.19
C ALA A 31 1.74 2.10 -1.34
N ALA A 32 1.69 1.19 -2.31
CA ALA A 32 2.55 1.24 -3.50
C ALA A 32 2.22 2.42 -4.41
N ASN A 33 1.32 3.31 -4.01
CA ASN A 33 0.98 4.46 -4.86
C ASN A 33 1.96 5.60 -4.68
N ARG A 34 3.14 5.28 -4.12
CA ARG A 34 4.20 6.26 -3.90
C ARG A 34 4.61 6.99 -5.18
N GLY A 35 4.44 6.34 -6.33
CA GLY A 35 4.79 6.95 -7.59
C GLY A 35 6.29 6.91 -7.82
N SER A 36 6.92 5.85 -7.35
CA SER A 36 8.35 5.66 -7.47
C SER A 36 8.73 5.21 -8.89
N GLY A 37 9.24 6.15 -9.68
CA GLY A 37 9.66 5.84 -11.04
C GLY A 37 8.51 5.45 -11.96
N THR A 38 8.40 4.16 -12.22
CA THR A 38 7.37 3.62 -13.11
C THR A 38 7.30 2.10 -12.95
N LYS A 39 7.87 1.38 -13.92
CA LYS A 39 7.88 -0.08 -13.87
C LYS A 39 9.02 -0.60 -12.99
N ALA A 40 10.21 -0.74 -13.56
CA ALA A 40 11.36 -1.21 -12.81
C ALA A 40 11.86 -0.14 -11.86
N ASN A 41 11.54 -0.30 -10.58
CA ASN A 41 11.93 0.64 -9.55
C ASN A 41 11.52 0.09 -8.18
N PRO A 42 12.48 -0.23 -7.31
CA PRO A 42 12.18 -0.76 -5.99
C PRO A 42 11.82 0.37 -5.02
N ASP A 43 11.05 0.05 -3.99
CA ASP A 43 10.64 1.03 -3.01
C ASP A 43 10.29 0.31 -1.72
N ILE A 44 10.39 1.03 -0.61
CA ILE A 44 10.10 0.46 0.68
C ILE A 44 9.48 1.51 1.58
N ILE A 45 8.31 1.20 2.09
CA ILE A 45 7.60 2.11 2.98
C ILE A 45 7.07 1.34 4.18
N ARG A 46 6.56 2.06 5.15
CA ARG A 46 6.07 1.42 6.36
C ARG A 46 4.82 2.07 6.92
N LEU A 47 3.80 1.25 7.14
CA LEU A 47 2.56 1.72 7.72
C LEU A 47 2.51 1.22 9.14
N ARG A 48 2.22 2.09 10.08
CA ARG A 48 2.13 1.67 11.44
C ARG A 48 0.77 1.07 11.61
N GLU A 49 0.69 -0.13 12.15
CA GLU A 49 -0.61 -0.74 12.31
C GLU A 49 -1.32 -0.10 13.50
N ARG A 50 -2.47 0.49 13.26
CA ARG A 50 -3.22 1.13 14.32
C ARG A 50 -4.25 0.16 14.88
N GLY A 51 -3.75 -0.91 15.47
CA GLY A 51 -4.63 -1.92 16.04
C GLY A 51 -3.88 -2.85 16.98
N THR A 52 -2.78 -3.40 16.51
CA THR A 52 -1.99 -4.32 17.32
C THR A 52 -0.56 -3.79 17.48
N LYS A 53 0.33 -4.60 18.04
CA LYS A 53 1.71 -4.18 18.26
C LYS A 53 2.64 -4.79 17.21
N LYS A 54 2.43 -4.42 15.95
CA LYS A 54 3.24 -4.94 14.86
C LYS A 54 3.53 -3.88 13.81
N VAL A 55 4.79 -3.79 13.42
CA VAL A 55 5.20 -2.83 12.41
C VAL A 55 4.97 -3.43 11.04
N HIS A 56 4.58 -2.61 10.08
CA HIS A 56 4.29 -3.10 8.75
C HIS A 56 5.22 -2.47 7.74
N VAL A 57 6.04 -3.29 7.10
CA VAL A 57 6.97 -2.82 6.10
C VAL A 57 7.05 -3.85 4.97
N PHE A 58 6.89 -3.38 3.75
CA PHE A 58 6.91 -4.26 2.61
C PHE A 58 7.37 -3.50 1.38
N LYS A 59 7.98 -4.23 0.46
CA LYS A 59 8.44 -3.66 -0.77
C LYS A 59 7.28 -3.73 -1.74
N ALA A 60 7.13 -2.77 -2.62
CA ALA A 60 6.04 -2.79 -3.56
C ALA A 60 6.38 -1.95 -4.76
N TRP A 61 5.80 -2.27 -5.89
CA TRP A 61 6.07 -1.52 -7.10
C TRP A 61 4.87 -1.51 -8.01
N LYS A 62 4.94 -0.75 -9.09
CA LYS A 62 3.82 -0.63 -10.01
C LYS A 62 4.17 -1.07 -11.43
N GLU A 63 3.19 -1.69 -12.08
CA GLU A 63 3.32 -2.12 -13.46
C GLU A 63 2.18 -1.47 -14.26
N ILE A 64 2.53 -0.64 -15.23
CA ILE A 64 1.53 0.06 -16.03
C ILE A 64 0.83 -0.88 -17.00
N VAL A 65 -0.36 -1.34 -16.64
CA VAL A 65 -1.14 -2.26 -17.49
C VAL A 65 -2.62 -2.19 -17.18
N ASP A 66 -3.43 -2.34 -18.24
CA ASP A 66 -4.91 -2.38 -18.19
C ASP A 66 -5.49 -1.68 -19.42
N ALA A 67 -6.81 -1.55 -19.43
CA ALA A 67 -7.53 -0.92 -20.54
C ALA A 67 -8.99 -0.76 -20.16
N PRO A 68 -9.76 0.10 -20.87
CA PRO A 68 -11.19 0.30 -20.58
C PRO A 68 -11.99 -1.00 -20.64
N LYS A 69 -12.12 -1.64 -19.49
CA LYS A 69 -12.84 -2.89 -19.37
C LYS A 69 -14.25 -2.63 -18.84
N ASN A 70 -14.62 -3.33 -17.78
CA ASN A 70 -15.94 -3.15 -17.19
C ASN A 70 -15.79 -2.50 -15.82
N ARG A 71 -14.74 -1.70 -15.68
CA ARG A 71 -14.46 -1.02 -14.42
C ARG A 71 -15.41 0.16 -14.26
N PRO A 72 -15.70 0.57 -13.01
CA PRO A 72 -16.59 1.69 -12.74
C PRO A 72 -16.10 2.99 -13.38
N ALA A 73 -17.03 3.65 -14.06
CA ALA A 73 -16.78 4.91 -14.79
C ALA A 73 -15.78 5.86 -14.10
N TRP A 74 -15.95 6.09 -12.80
CA TRP A 74 -15.05 6.99 -12.08
C TRP A 74 -13.57 6.57 -12.21
N MET A 75 -13.28 5.27 -12.13
CA MET A 75 -11.88 4.81 -12.24
C MET A 75 -11.77 3.65 -13.24
N PRO A 76 -11.80 3.94 -14.56
CA PRO A 76 -11.69 2.95 -15.61
C PRO A 76 -10.29 2.95 -16.25
N GLU A 77 -10.25 2.91 -17.59
CA GLU A 77 -9.00 2.92 -18.37
C GLU A 77 -7.94 1.92 -17.89
N LYS A 78 -6.76 2.42 -17.56
CA LYS A 78 -5.66 1.58 -17.15
C LYS A 78 -4.99 2.17 -15.92
N ILE A 79 -4.45 1.32 -15.08
CA ILE A 79 -3.80 1.78 -13.87
C ILE A 79 -2.57 0.95 -13.56
N SER A 80 -1.60 1.56 -12.93
CA SER A 80 -0.39 0.87 -12.55
C SER A 80 -0.71 -0.15 -11.46
N LYS A 81 -0.59 -1.43 -11.80
CA LYS A 81 -0.90 -2.50 -10.87
C LYS A 81 0.21 -2.61 -9.84
N PRO A 82 -0.12 -2.45 -8.55
CA PRO A 82 0.86 -2.53 -7.48
C PRO A 82 1.06 -3.95 -6.95
N PHE A 83 2.31 -4.29 -6.67
CA PHE A 83 2.66 -5.62 -6.18
C PHE A 83 3.04 -5.62 -4.70
N VAL A 84 2.15 -6.23 -3.93
CA VAL A 84 2.32 -6.37 -2.47
C VAL A 84 3.39 -7.43 -2.16
N LYS A 85 4.62 -6.97 -1.93
CA LYS A 85 5.71 -7.88 -1.60
C LYS A 85 5.96 -7.86 -0.10
N LYS A 86 5.41 -8.87 0.58
CA LYS A 86 5.56 -8.99 2.04
C LYS A 86 7.02 -9.10 2.44
N GLU A 87 7.59 -8.02 3.00
CA GLU A 87 8.99 -8.08 3.43
C GLU A 87 9.06 -8.75 4.79
N ARG A 88 8.59 -8.06 5.81
CA ARG A 88 8.59 -8.62 7.16
C ARG A 88 7.85 -7.74 8.15
N ILE A 89 6.74 -8.25 8.62
CA ILE A 89 5.95 -7.56 9.62
C ILE A 89 6.60 -7.84 10.97
N GLU A 90 6.95 -6.79 11.71
CA GLU A 90 7.62 -6.97 12.98
C GLU A 90 6.64 -7.45 14.02
N LYS A 91 7.14 -8.05 15.09
CA LYS A 91 6.27 -8.61 16.11
C LYS A 91 6.60 -8.06 17.49
N LEU A 92 5.57 -7.88 18.30
CA LEU A 92 5.71 -7.41 19.65
C LEU A 92 4.51 -7.87 20.44
N GLU A 93 4.74 -8.56 21.54
CA GLU A 93 3.66 -9.09 22.35
C GLU A 93 3.92 -8.85 23.82
N SER A 1 -17.70 -6.77 15.15
CA SER A 1 -16.91 -5.96 14.19
C SER A 1 -15.50 -5.71 14.72
N ASN A 2 -14.60 -5.37 13.81
CA ASN A 2 -13.20 -5.10 14.14
C ASN A 2 -12.50 -4.44 12.96
N THR A 3 -12.03 -3.21 13.15
CA THR A 3 -11.38 -2.46 12.09
C THR A 3 -10.02 -1.92 12.53
N ARG A 4 -8.97 -2.26 11.80
CA ARG A 4 -7.63 -1.78 12.13
C ARG A 4 -7.14 -0.77 11.10
N ASN A 5 -6.66 0.36 11.58
CA ASN A 5 -6.17 1.39 10.70
C ASN A 5 -4.70 1.16 10.41
N PHE A 6 -4.19 1.84 9.41
CA PHE A 6 -2.80 1.72 9.03
C PHE A 6 -2.27 3.12 8.75
N VAL A 7 -1.08 3.43 9.26
CA VAL A 7 -0.52 4.76 9.07
C VAL A 7 0.75 4.68 8.23
N LEU A 8 0.61 5.05 6.96
CA LEU A 8 1.72 5.01 6.01
C LEU A 8 2.81 6.01 6.36
N ARG A 9 4.04 5.52 6.40
CA ARG A 9 5.19 6.36 6.68
C ARG A 9 6.03 6.51 5.42
N ASP A 10 6.76 7.61 5.32
CA ASP A 10 7.61 7.88 4.17
C ASP A 10 8.96 7.22 4.35
N GLU A 11 10.00 7.98 4.18
CA GLU A 11 11.32 7.45 4.28
C GLU A 11 12.17 8.36 5.16
N ASP A 12 11.82 9.64 5.18
CA ASP A 12 12.53 10.64 5.98
C ASP A 12 12.06 10.65 7.43
N GLY A 13 11.15 9.73 7.77
CA GLY A 13 10.66 9.65 9.13
C GLY A 13 9.35 10.38 9.31
N ASN A 14 8.82 10.90 8.22
CA ASN A 14 7.56 11.61 8.26
C ASN A 14 6.45 10.71 7.77
N GLU A 15 5.36 10.65 8.52
CA GLU A 15 4.24 9.82 8.14
C GLU A 15 3.23 10.63 7.33
N HIS A 16 2.58 9.99 6.38
CA HIS A 16 1.61 10.67 5.54
C HIS A 16 0.17 10.41 5.98
N GLY A 17 -0.65 9.88 5.08
CA GLY A 17 -2.04 9.62 5.38
C GLY A 17 -2.25 8.40 6.26
N VAL A 18 -3.51 8.14 6.58
CA VAL A 18 -3.89 7.03 7.43
C VAL A 18 -5.10 6.28 6.83
N PHE A 19 -4.94 4.98 6.64
CA PHE A 19 -6.00 4.15 6.09
C PHE A 19 -6.99 3.76 7.20
N THR A 20 -8.14 3.24 6.79
CA THR A 20 -9.19 2.84 7.73
C THR A 20 -9.84 1.53 7.26
N GLY A 21 -9.08 0.44 7.20
CA GLY A 21 -9.65 -0.82 6.75
C GLY A 21 -9.36 -1.96 7.68
N LYS A 22 -8.94 -3.09 7.13
CA LYS A 22 -8.61 -4.24 7.97
C LYS A 22 -7.77 -5.25 7.23
N GLN A 23 -8.04 -5.43 5.94
CA GLN A 23 -7.27 -6.38 5.14
C GLN A 23 -5.98 -5.75 4.62
N PRO A 24 -4.82 -6.21 5.13
CA PRO A 24 -3.50 -5.71 4.75
C PRO A 24 -3.23 -5.80 3.25
N ARG A 25 -3.81 -6.82 2.61
CA ARG A 25 -3.64 -7.02 1.18
C ARG A 25 -3.95 -5.76 0.38
N GLN A 26 -5.12 -5.18 0.61
CA GLN A 26 -5.54 -3.98 -0.11
C GLN A 26 -4.98 -2.72 0.56
N ALA A 27 -4.35 -2.89 1.71
CA ALA A 27 -3.77 -1.75 2.43
C ALA A 27 -2.36 -1.51 1.90
N ALA A 28 -1.66 -2.60 1.65
CA ALA A 28 -0.31 -2.54 1.13
C ALA A 28 -0.38 -2.18 -0.35
N LEU A 29 -1.54 -2.48 -0.93
CA LEU A 29 -1.80 -2.20 -2.33
C LEU A 29 -1.68 -0.69 -2.60
N LYS A 30 -2.39 0.11 -1.81
CA LYS A 30 -2.36 1.56 -1.97
C LYS A 30 -1.07 2.17 -1.42
N ALA A 31 -0.29 1.38 -0.69
CA ALA A 31 0.97 1.86 -0.14
C ALA A 31 1.96 2.09 -1.27
N ALA A 32 1.91 1.20 -2.24
CA ALA A 32 2.76 1.25 -3.43
C ALA A 32 2.45 2.45 -4.33
N ASN A 33 1.55 3.34 -3.90
CA ASN A 33 1.19 4.51 -4.72
C ASN A 33 2.18 5.65 -4.52
N ARG A 34 3.34 5.34 -3.94
CA ARG A 34 4.38 6.33 -3.70
C ARG A 34 4.73 7.09 -4.98
N GLY A 35 4.72 6.37 -6.10
CA GLY A 35 5.03 7.00 -7.36
C GLY A 35 6.52 7.08 -7.60
N SER A 36 7.22 6.04 -7.18
CA SER A 36 8.66 5.99 -7.34
C SER A 36 9.02 5.63 -8.78
N GLY A 37 9.47 6.62 -9.53
CA GLY A 37 9.84 6.40 -10.92
C GLY A 37 8.64 6.08 -11.80
N THR A 38 8.42 4.80 -12.05
CA THR A 38 7.31 4.33 -12.88
C THR A 38 7.17 2.82 -12.78
N LYS A 39 7.67 2.09 -13.78
CA LYS A 39 7.61 0.63 -13.80
C LYS A 39 8.72 0.04 -12.93
N ALA A 40 9.89 -0.18 -13.52
CA ALA A 40 11.01 -0.74 -12.78
C ALA A 40 11.59 0.30 -11.84
N ASN A 41 11.33 0.12 -10.54
CA ASN A 41 11.79 1.02 -9.51
C ASN A 41 11.35 0.53 -8.14
N PRO A 42 12.19 -0.29 -7.47
CA PRO A 42 11.86 -0.81 -6.14
C PRO A 42 11.66 0.29 -5.12
N ASP A 43 10.91 -0.01 -4.07
CA ASP A 43 10.62 0.97 -3.02
C ASP A 43 10.32 0.24 -1.74
N ILE A 44 10.53 0.90 -0.63
CA ILE A 44 10.30 0.29 0.67
C ILE A 44 9.72 1.31 1.63
N ILE A 45 8.54 1.01 2.15
CA ILE A 45 7.86 1.88 3.08
C ILE A 45 7.28 1.09 4.24
N ARG A 46 6.87 1.79 5.27
CA ARG A 46 6.33 1.14 6.45
C ARG A 46 5.08 1.81 7.00
N LEU A 47 4.06 1.01 7.19
CA LEU A 47 2.80 1.49 7.76
C LEU A 47 2.73 0.95 9.17
N ARG A 48 2.42 1.81 10.12
CA ARG A 48 2.29 1.35 11.48
C ARG A 48 0.89 0.80 11.60
N GLU A 49 0.75 -0.42 12.09
CA GLU A 49 -0.56 -1.00 12.19
C GLU A 49 -1.28 -0.43 13.41
N ARG A 50 -2.47 0.08 13.23
CA ARG A 50 -3.23 0.64 14.34
C ARG A 50 -4.13 -0.43 14.94
N GLY A 51 -3.51 -1.41 15.59
CA GLY A 51 -4.25 -2.49 16.20
C GLY A 51 -3.40 -3.25 17.20
N THR A 52 -2.23 -3.68 16.75
CA THR A 52 -1.31 -4.41 17.59
C THR A 52 0.12 -3.93 17.38
N LYS A 53 0.95 -4.12 18.40
CA LYS A 53 2.36 -3.72 18.36
C LYS A 53 3.15 -4.49 17.29
N LYS A 54 2.86 -4.20 16.02
CA LYS A 54 3.53 -4.87 14.92
C LYS A 54 3.84 -3.89 13.79
N VAL A 55 5.06 -3.96 13.28
CA VAL A 55 5.48 -3.08 12.20
C VAL A 55 5.19 -3.74 10.86
N HIS A 56 4.74 -2.93 9.90
CA HIS A 56 4.42 -3.44 8.58
C HIS A 56 5.32 -2.79 7.55
N VAL A 57 6.22 -3.55 6.96
CA VAL A 57 7.13 -3.04 5.96
C VAL A 57 7.16 -4.02 4.79
N PHE A 58 7.01 -3.49 3.60
CA PHE A 58 7.00 -4.34 2.42
C PHE A 58 7.43 -3.55 1.21
N LYS A 59 8.14 -4.23 0.32
CA LYS A 59 8.59 -3.62 -0.91
C LYS A 59 7.41 -3.66 -1.87
N ALA A 60 7.25 -2.66 -2.71
CA ALA A 60 6.13 -2.66 -3.62
C ALA A 60 6.47 -1.77 -4.79
N TRP A 61 5.91 -2.08 -5.94
CA TRP A 61 6.16 -1.30 -7.13
C TRP A 61 4.92 -1.25 -8.01
N LYS A 62 4.97 -0.45 -9.07
CA LYS A 62 3.84 -0.29 -9.94
C LYS A 62 4.15 -0.68 -11.38
N GLU A 63 3.18 -1.30 -12.03
CA GLU A 63 3.30 -1.70 -13.43
C GLU A 63 2.24 -0.98 -14.25
N ILE A 64 2.66 -0.16 -15.19
CA ILE A 64 1.73 0.59 -16.04
C ILE A 64 1.08 -0.34 -17.05
N VAL A 65 -0.06 -0.91 -16.68
CA VAL A 65 -0.78 -1.85 -17.55
C VAL A 65 -2.27 -1.85 -17.20
N ASP A 66 -3.08 -2.10 -18.24
CA ASP A 66 -4.56 -2.21 -18.16
C ASP A 66 -5.17 -1.51 -19.37
N ALA A 67 -6.49 -1.41 -19.41
CA ALA A 67 -7.19 -0.78 -20.51
C ALA A 67 -8.68 -0.64 -20.19
N PRO A 68 -9.41 0.26 -20.90
CA PRO A 68 -10.85 0.47 -20.68
C PRO A 68 -11.63 -0.84 -20.84
N LYS A 69 -11.85 -1.53 -19.73
CA LYS A 69 -12.56 -2.80 -19.75
C LYS A 69 -13.98 -2.65 -19.23
N ASN A 70 -14.31 -3.39 -18.18
CA ASN A 70 -15.64 -3.36 -17.59
C ASN A 70 -15.59 -2.74 -16.20
N ARG A 71 -14.59 -1.90 -15.99
CA ARG A 71 -14.42 -1.25 -14.70
C ARG A 71 -15.44 -0.13 -14.54
N PRO A 72 -15.84 0.17 -13.30
CA PRO A 72 -16.82 1.21 -13.02
C PRO A 72 -16.32 2.58 -13.50
N ALA A 73 -17.22 3.30 -14.19
CA ALA A 73 -16.94 4.62 -14.80
C ALA A 73 -15.90 5.48 -14.07
N TRP A 74 -16.04 5.64 -12.76
CA TRP A 74 -15.11 6.47 -11.99
C TRP A 74 -13.64 6.06 -12.17
N MET A 75 -13.35 4.76 -12.17
CA MET A 75 -11.97 4.31 -12.35
C MET A 75 -11.84 3.40 -13.59
N PRO A 76 -11.77 4.00 -14.78
CA PRO A 76 -11.66 3.26 -16.04
C PRO A 76 -10.23 3.23 -16.60
N GLU A 77 -10.14 3.12 -17.94
CA GLU A 77 -8.86 3.09 -18.65
C GLU A 77 -7.82 2.14 -18.06
N LYS A 78 -6.71 2.70 -17.62
CA LYS A 78 -5.62 1.89 -17.11
C LYS A 78 -4.93 2.58 -15.95
N ILE A 79 -4.28 1.78 -15.12
CA ILE A 79 -3.59 2.30 -13.95
C ILE A 79 -2.39 1.45 -13.64
N SER A 80 -1.43 2.03 -12.95
CA SER A 80 -0.25 1.30 -12.56
C SER A 80 -0.63 0.29 -11.48
N LYS A 81 -0.63 -0.99 -11.84
CA LYS A 81 -1.00 -2.04 -10.90
C LYS A 81 0.13 -2.22 -9.88
N PRO A 82 -0.17 -2.09 -8.58
CA PRO A 82 0.82 -2.21 -7.53
C PRO A 82 1.03 -3.65 -7.05
N PHE A 83 2.27 -3.97 -6.71
CA PHE A 83 2.63 -5.30 -6.26
C PHE A 83 3.03 -5.35 -4.78
N VAL A 84 2.15 -5.98 -4.02
CA VAL A 84 2.33 -6.17 -2.58
C VAL A 84 3.36 -7.27 -2.32
N LYS A 85 4.61 -6.87 -2.05
CA LYS A 85 5.67 -7.83 -1.78
C LYS A 85 5.92 -7.90 -0.27
N LYS A 86 5.34 -8.91 0.37
CA LYS A 86 5.48 -9.13 1.81
C LYS A 86 6.96 -9.24 2.20
N GLU A 87 7.54 -8.18 2.77
CA GLU A 87 8.94 -8.23 3.18
C GLU A 87 9.07 -8.85 4.57
N ARG A 88 8.58 -8.16 5.58
CA ARG A 88 8.64 -8.70 6.93
C ARG A 88 7.86 -7.84 7.93
N ILE A 89 6.86 -8.44 8.51
CA ILE A 89 6.07 -7.79 9.54
C ILE A 89 6.74 -8.08 10.88
N GLU A 90 7.06 -7.04 11.63
CA GLU A 90 7.77 -7.21 12.90
C GLU A 90 6.80 -7.66 14.00
N LYS A 91 7.35 -8.17 15.10
CA LYS A 91 6.53 -8.68 16.19
C LYS A 91 6.89 -8.03 17.52
N LEU A 92 5.89 -7.73 18.31
CA LEU A 92 6.07 -7.17 19.64
C LEU A 92 4.86 -7.54 20.49
N GLU A 93 5.10 -8.18 21.63
CA GLU A 93 4.01 -8.61 22.48
C GLU A 93 4.16 -7.98 23.85
#